data_3ZRT
#
_entry.id   3ZRT
#
_cell.length_a   112.150
_cell.length_b   112.150
_cell.length_c   196.130
_cell.angle_alpha   90.00
_cell.angle_beta   90.00
_cell.angle_gamma   90.00
#
_symmetry.space_group_name_H-M   'P 41 21 2'
#
_entity_poly.entity_id   1
_entity_poly.type   'polypeptide(L)'
_entity_poly.pdbx_seq_one_letter_code
;MHHHHHPRGSMEYEEITLERGNSGLGFSIAGGTDNPHIGDDPSIFITKIIPGGAAAQDGRLRVNDSILFVNEVDVREVTH
SAAVEALKEAGSIVRLYVMRRKPPAEKVMEIKLIKGPKGLGFSIAGGVGNQHIPGDNSIYVTKIIEGGAAHKDGRLQIGD
KILAVNSVGLEDVMHEDAVAALKNTYDVVYLKVAKPSNA
;
_entity_poly.pdbx_strand_id   A,B,C,D
#
# COMPACT_ATOMS: atom_id res chain seq x y z
N MET A 1 0.61 -6.74 21.06
CA MET A 1 1.75 -5.86 20.80
C MET A 1 1.30 -4.42 20.64
N HIS A 2 2.25 -3.49 20.66
CA HIS A 2 1.92 -2.06 20.58
C HIS A 2 1.54 -1.65 19.18
N HIS A 3 2.08 -2.35 18.20
CA HIS A 3 1.81 -2.04 16.82
C HIS A 3 1.35 -3.28 16.10
N HIS A 4 0.25 -3.21 15.36
CA HIS A 4 -0.26 -4.38 14.66
C HIS A 4 0.01 -4.33 13.16
N HIS A 5 -0.05 -5.47 12.49
CA HIS A 5 0.35 -5.56 11.09
C HIS A 5 -0.73 -5.09 10.11
N HIS A 6 -0.80 -3.79 9.86
CA HIS A 6 -1.72 -3.26 8.87
C HIS A 6 -1.34 -3.76 7.48
N PRO A 7 -2.33 -4.27 6.74
CA PRO A 7 -2.15 -4.92 5.44
C PRO A 7 -2.45 -4.05 4.22
N ARG A 8 -1.46 -3.86 3.35
CA ARG A 8 -1.71 -3.21 2.07
C ARG A 8 -2.78 -4.05 1.39
N GLY A 9 -3.76 -3.40 0.80
CA GLY A 9 -4.82 -4.10 0.12
C GLY A 9 -6.21 -3.55 0.41
N SER A 10 -7.21 -4.11 -0.27
CA SER A 10 -8.61 -3.75 -0.04
C SER A 10 -9.27 -4.86 0.75
N MET A 11 -9.56 -4.56 2.01
CA MET A 11 -9.93 -5.62 2.95
C MET A 11 -11.41 -5.76 3.26
N GLU A 12 -11.74 -6.94 3.78
CA GLU A 12 -13.11 -7.33 4.05
C GLU A 12 -13.15 -8.14 5.35
N TYR A 13 -14.02 -7.78 6.28
CA TYR A 13 -14.17 -8.55 7.52
C TYR A 13 -15.50 -9.30 7.54
N GLU A 14 -15.49 -10.51 8.10
CA GLU A 14 -16.72 -11.32 8.24
C GLU A 14 -16.69 -12.12 9.54
N GLU A 15 -17.84 -12.20 10.20
CA GLU A 15 -17.96 -13.03 11.40
C GLU A 15 -18.68 -14.31 11.08
N ILE A 16 -17.90 -15.40 11.10
CA ILE A 16 -18.41 -16.72 10.76
C ILE A 16 -18.59 -17.54 12.04
N THR A 17 -19.83 -17.95 12.30
CA THR A 17 -20.10 -18.78 13.46
C THR A 17 -20.13 -20.26 13.08
N LEU A 18 -19.35 -21.08 13.79
CA LEU A 18 -19.25 -22.51 13.48
C LEU A 18 -19.66 -23.44 14.63
N GLU A 19 -20.28 -24.56 14.27
CA GLU A 19 -20.70 -25.57 15.23
C GLU A 19 -19.78 -26.78 15.11
N ARG A 20 -18.94 -26.98 16.10
CA ARG A 20 -17.91 -28.01 16.04
C ARG A 20 -18.45 -29.39 15.69
N GLY A 21 -17.93 -29.97 14.61
CA GLY A 21 -18.30 -31.30 14.19
C GLY A 21 -17.73 -32.34 15.14
N ASN A 22 -17.94 -33.60 14.82
CA ASN A 22 -17.39 -34.67 15.64
C ASN A 22 -15.95 -34.96 15.25
N SER A 23 -15.37 -34.00 14.57
CA SER A 23 -14.03 -34.14 14.02
C SER A 23 -13.34 -32.79 14.01
N GLY A 24 -13.78 -31.91 14.91
CA GLY A 24 -13.25 -30.56 14.99
C GLY A 24 -14.00 -29.58 14.10
N LEU A 25 -13.31 -28.52 13.69
CA LEU A 25 -13.92 -27.51 12.85
C LEU A 25 -13.64 -27.73 11.35
N GLY A 26 -12.73 -28.66 11.07
CA GLY A 26 -12.49 -29.04 9.69
C GLY A 26 -11.83 -27.97 8.84
N PHE A 27 -10.69 -27.46 9.31
CA PHE A 27 -9.84 -26.58 8.52
C PHE A 27 -8.45 -26.48 9.17
N SER A 28 -7.45 -26.09 8.38
CA SER A 28 -6.06 -26.03 8.86
C SER A 28 -5.56 -24.60 8.87
N ILE A 29 -4.57 -24.32 9.72
CA ILE A 29 -4.01 -22.98 9.79
C ILE A 29 -2.51 -22.95 9.65
N ALA A 30 -1.95 -21.74 9.62
CA ALA A 30 -0.51 -21.54 9.53
C ALA A 30 -0.17 -20.10 9.91
N GLY A 31 1.05 -19.89 10.38
CA GLY A 31 1.49 -18.55 10.74
C GLY A 31 1.56 -18.39 12.23
N GLY A 32 1.72 -17.16 12.69
CA GLY A 32 1.90 -16.91 14.10
C GLY A 32 3.29 -16.34 14.31
N THR A 33 3.53 -15.80 15.49
CA THR A 33 4.80 -15.16 15.78
C THR A 33 6.01 -16.07 15.61
N ASP A 34 5.86 -17.36 15.90
CA ASP A 34 6.97 -18.31 15.85
C ASP A 34 7.25 -18.84 14.44
N ASN A 35 6.27 -18.68 13.56
CA ASN A 35 6.40 -19.16 12.21
C ASN A 35 5.60 -18.32 11.23
N PRO A 36 5.89 -17.01 11.16
CA PRO A 36 5.13 -16.12 10.28
C PRO A 36 4.93 -16.78 8.93
N HIS A 37 3.71 -16.71 8.40
CA HIS A 37 3.36 -17.47 7.21
C HIS A 37 3.71 -16.70 5.93
N ILE A 38 3.61 -15.38 6.00
CA ILE A 38 3.89 -14.52 4.86
C ILE A 38 4.64 -13.30 5.32
N GLY A 39 5.73 -12.96 4.63
CA GLY A 39 6.47 -11.74 4.94
C GLY A 39 6.76 -11.57 6.42
N ASP A 40 6.29 -10.47 7.01
CA ASP A 40 6.48 -10.23 8.45
C ASP A 40 5.14 -10.30 9.19
N ASP A 41 4.29 -11.21 8.75
CA ASP A 41 2.91 -11.28 9.21
C ASP A 41 2.68 -12.48 10.13
N PRO A 42 2.52 -12.20 11.44
CA PRO A 42 2.35 -13.20 12.50
C PRO A 42 0.90 -13.63 12.53
N SER A 43 0.11 -13.10 11.60
CA SER A 43 -1.30 -13.42 11.55
C SER A 43 -1.52 -14.88 11.22
N ILE A 44 -2.69 -15.38 11.63
CA ILE A 44 -3.06 -16.76 11.40
C ILE A 44 -3.86 -16.90 10.10
N PHE A 45 -3.39 -17.76 9.20
CA PHE A 45 -4.04 -17.92 7.91
C PHE A 45 -4.67 -19.30 7.78
N ILE A 46 -5.80 -19.35 7.10
CA ILE A 46 -6.44 -20.63 6.85
C ILE A 46 -5.83 -21.22 5.59
N THR A 47 -5.22 -22.38 5.75
CA THR A 47 -4.48 -22.98 4.67
C THR A 47 -5.31 -24.01 3.96
N LYS A 48 -6.19 -24.67 4.69
CA LYS A 48 -6.95 -25.77 4.09
C LYS A 48 -8.39 -25.74 4.58
N ILE A 49 -9.30 -26.23 3.76
CA ILE A 49 -10.66 -26.53 4.24
C ILE A 49 -11.04 -27.99 3.99
N ILE A 50 -11.32 -28.72 5.06
CA ILE A 50 -11.67 -30.14 4.96
C ILE A 50 -13.10 -30.29 4.48
N PRO A 51 -13.28 -31.12 3.43
CA PRO A 51 -14.57 -31.42 2.78
C PRO A 51 -15.47 -32.18 3.73
N GLY A 52 -16.78 -31.94 3.69
CA GLY A 52 -17.68 -32.52 4.66
C GLY A 52 -17.31 -32.15 6.09
N GLY A 53 -16.43 -31.17 6.22
CA GLY A 53 -16.02 -30.65 7.52
C GLY A 53 -16.91 -29.49 7.91
N ALA A 54 -17.06 -29.28 9.21
CA ALA A 54 -17.96 -28.25 9.72
C ALA A 54 -17.81 -26.91 8.98
N ALA A 55 -16.57 -26.51 8.74
CA ALA A 55 -16.29 -25.24 8.08
C ALA A 55 -16.77 -25.28 6.64
N ALA A 56 -16.61 -26.45 6.01
CA ALA A 56 -17.04 -26.65 4.64
C ALA A 56 -18.55 -26.48 4.49
N GLN A 57 -19.31 -27.24 5.28
CA GLN A 57 -20.77 -27.21 5.19
C GLN A 57 -21.31 -25.80 5.36
N ASP A 58 -20.70 -25.03 6.25
CA ASP A 58 -21.07 -23.64 6.42
C ASP A 58 -20.69 -22.87 5.18
N GLY A 59 -19.46 -23.10 4.71
CA GLY A 59 -19.03 -22.59 3.43
C GLY A 59 -18.75 -21.11 3.35
N ARG A 60 -18.95 -20.40 4.46
CA ARG A 60 -18.63 -18.97 4.50
C ARG A 60 -17.12 -18.78 4.49
N LEU A 61 -16.44 -19.59 5.29
CA LEU A 61 -15.00 -19.53 5.46
C LEU A 61 -14.27 -19.91 4.19
N ARG A 62 -13.11 -19.30 3.96
CA ARG A 62 -12.37 -19.52 2.73
C ARG A 62 -10.86 -19.53 2.98
N VAL A 63 -10.11 -20.21 2.11
CA VAL A 63 -8.65 -20.26 2.26
C VAL A 63 -8.05 -18.86 2.23
N ASN A 64 -6.92 -18.69 2.91
CA ASN A 64 -6.25 -17.39 2.97
C ASN A 64 -7.04 -16.34 3.73
N ASP A 65 -8.12 -16.75 4.34
CA ASP A 65 -8.76 -15.89 5.31
C ASP A 65 -7.77 -15.79 6.46
N SER A 66 -7.68 -14.61 7.04
CA SER A 66 -6.88 -14.40 8.25
C SER A 66 -7.82 -14.38 9.47
N ILE A 67 -7.44 -15.09 10.52
CA ILE A 67 -8.25 -15.10 11.72
C ILE A 67 -7.77 -14.08 12.75
N LEU A 68 -8.68 -13.21 13.18
CA LEU A 68 -8.34 -12.15 14.11
C LEU A 68 -8.81 -12.46 15.52
N PHE A 69 -10.03 -12.98 15.63
CA PHE A 69 -10.58 -13.31 16.93
C PHE A 69 -11.29 -14.64 16.92
N VAL A 70 -10.96 -15.45 17.90
CA VAL A 70 -11.72 -16.65 18.20
C VAL A 70 -12.58 -16.36 19.41
N ASN A 71 -13.88 -16.26 19.21
CA ASN A 71 -14.78 -15.82 20.26
C ASN A 71 -14.36 -14.45 20.78
N GLU A 72 -13.68 -14.43 21.91
CA GLU A 72 -13.25 -13.17 22.49
C GLU A 72 -11.74 -13.12 22.68
N VAL A 73 -11.05 -14.10 22.07
CA VAL A 73 -9.60 -14.16 22.13
C VAL A 73 -8.97 -13.43 20.95
N ASP A 74 -7.96 -12.61 21.22
CA ASP A 74 -7.26 -11.88 20.17
C ASP A 74 -6.05 -12.70 19.72
N VAL A 75 -6.06 -13.15 18.46
CA VAL A 75 -4.98 -13.99 17.93
C VAL A 75 -4.19 -13.30 16.81
N ARG A 76 -4.04 -11.99 16.93
CA ARG A 76 -3.34 -11.28 15.89
C ARG A 76 -1.88 -11.55 16.13
N GLU A 77 -1.48 -11.42 17.38
CA GLU A 77 -0.10 -11.69 17.73
C GLU A 77 0.03 -12.79 18.76
N VAL A 78 0.14 -14.01 18.27
CA VAL A 78 0.41 -15.15 19.14
C VAL A 78 1.22 -16.21 18.44
N THR A 79 1.72 -17.14 19.25
CA THR A 79 2.47 -18.25 18.72
C THR A 79 1.47 -19.17 18.05
N HIS A 80 1.95 -19.95 17.09
CA HIS A 80 1.10 -20.87 16.36
C HIS A 80 0.39 -21.79 17.33
N SER A 81 1.17 -22.44 18.17
CA SER A 81 0.63 -23.35 19.17
C SER A 81 -0.53 -22.73 19.96
N ALA A 82 -0.33 -21.49 20.38
CA ALA A 82 -1.32 -20.73 21.14
C ALA A 82 -2.68 -20.72 20.48
N ALA A 83 -2.67 -20.46 19.18
CA ALA A 83 -3.90 -20.39 18.41
C ALA A 83 -4.61 -21.75 18.39
N VAL A 84 -3.87 -22.79 18.01
CA VAL A 84 -4.43 -24.14 17.99
C VAL A 84 -5.21 -24.46 19.27
N GLU A 85 -4.64 -24.08 20.41
CA GLU A 85 -5.28 -24.35 21.70
C GLU A 85 -6.53 -23.50 21.82
N ALA A 86 -6.41 -22.23 21.47
CA ALA A 86 -7.56 -21.33 21.52
C ALA A 86 -8.70 -21.89 20.69
N LEU A 87 -8.35 -22.51 19.57
CA LEU A 87 -9.32 -23.12 18.67
C LEU A 87 -9.93 -24.39 19.24
N LYS A 88 -9.20 -25.04 20.14
CA LYS A 88 -9.70 -26.25 20.79
C LYS A 88 -10.55 -25.89 21.98
N GLU A 89 -10.06 -24.99 22.83
CA GLU A 89 -10.75 -24.62 24.04
C GLU A 89 -11.90 -23.66 23.78
N ALA A 90 -12.27 -23.51 22.52
CA ALA A 90 -13.31 -22.56 22.11
C ALA A 90 -14.72 -23.12 22.24
N GLY A 91 -14.84 -24.32 22.79
CA GLY A 91 -16.15 -24.90 23.00
C GLY A 91 -16.81 -25.34 21.72
N SER A 92 -18.08 -25.72 21.82
CA SER A 92 -18.79 -26.31 20.69
C SER A 92 -19.24 -25.28 19.68
N ILE A 93 -19.48 -24.05 20.13
CA ILE A 93 -19.85 -23.00 19.19
C ILE A 93 -18.80 -21.92 19.10
N VAL A 94 -18.19 -21.81 17.93
CA VAL A 94 -17.01 -20.97 17.70
C VAL A 94 -17.32 -19.78 16.80
N ARG A 95 -17.22 -18.58 17.36
CA ARG A 95 -17.42 -17.38 16.60
C ARG A 95 -16.10 -16.90 16.04
N LEU A 96 -15.91 -17.05 14.73
CA LEU A 96 -14.66 -16.61 14.09
C LEU A 96 -14.77 -15.23 13.45
N TYR A 97 -13.83 -14.34 13.78
CA TYR A 97 -13.77 -13.04 13.12
C TYR A 97 -12.61 -13.06 12.16
N VAL A 98 -12.92 -13.07 10.88
CA VAL A 98 -11.92 -13.25 9.85
C VAL A 98 -11.88 -12.07 8.90
N MET A 99 -10.75 -11.94 8.22
CA MET A 99 -10.58 -10.88 7.24
C MET A 99 -9.87 -11.44 6.03
N ARG A 100 -10.23 -10.93 4.86
CA ARG A 100 -9.54 -11.27 3.62
C ARG A 100 -9.65 -10.11 2.64
N ARG A 101 -9.07 -10.29 1.47
CA ARG A 101 -9.13 -9.27 0.45
C ARG A 101 -10.42 -9.40 -0.29
N LYS A 102 -10.87 -8.31 -0.88
CA LYS A 102 -12.07 -8.33 -1.68
C LYS A 102 -11.73 -8.87 -3.05
N PRO A 103 -12.72 -9.47 -3.73
CA PRO A 103 -12.58 -10.04 -5.06
C PRO A 103 -11.79 -9.18 -6.08
N PRO A 104 -10.98 -9.81 -6.94
CA PRO A 104 -10.23 -9.14 -8.02
C PRO A 104 -11.19 -8.44 -8.95
N ALA A 105 -10.73 -7.37 -9.60
CA ALA A 105 -11.57 -6.65 -10.54
C ALA A 105 -12.03 -7.57 -11.65
N GLU A 106 -13.16 -7.25 -12.26
CA GLU A 106 -13.60 -8.01 -13.42
C GLU A 106 -12.53 -7.97 -14.51
N LYS A 107 -11.90 -6.79 -14.68
CA LYS A 107 -10.84 -6.63 -15.66
C LYS A 107 -10.20 -5.24 -15.67
N VAL A 108 -9.01 -5.17 -16.28
CA VAL A 108 -8.22 -3.94 -16.35
C VAL A 108 -7.96 -3.54 -17.79
N MET A 109 -8.30 -2.29 -18.12
CA MET A 109 -8.10 -1.75 -19.46
C MET A 109 -7.50 -0.36 -19.44
N GLU A 110 -7.15 0.14 -20.61
CA GLU A 110 -6.56 1.48 -20.75
C GLU A 110 -7.37 2.30 -21.73
N ILE A 111 -7.84 3.45 -21.28
CA ILE A 111 -8.71 4.29 -22.09
C ILE A 111 -8.04 5.62 -22.39
N LYS A 112 -7.95 5.95 -23.68
CA LYS A 112 -7.38 7.22 -24.09
C LYS A 112 -8.52 8.18 -24.26
N LEU A 113 -8.39 9.37 -23.68
CA LEU A 113 -9.42 10.39 -23.85
C LEU A 113 -8.83 11.69 -24.37
N ILE A 114 -9.66 12.45 -25.07
CA ILE A 114 -9.24 13.77 -25.52
C ILE A 114 -10.13 14.84 -24.86
N LYS A 115 -9.48 15.68 -24.07
CA LYS A 115 -10.13 16.63 -23.19
C LYS A 115 -11.08 17.50 -23.97
N GLY A 116 -12.33 17.56 -23.53
CA GLY A 116 -13.26 18.53 -24.05
C GLY A 116 -12.94 19.86 -23.40
N PRO A 117 -13.70 20.92 -23.73
CA PRO A 117 -13.41 22.24 -23.17
C PRO A 117 -13.84 22.23 -21.72
N LYS A 118 -14.64 21.23 -21.38
CA LYS A 118 -15.16 21.07 -20.03
C LYS A 118 -14.24 20.22 -19.17
N GLY A 119 -13.15 19.74 -19.75
CA GLY A 119 -12.35 18.71 -19.12
C GLY A 119 -12.82 17.35 -19.61
N LEU A 120 -12.55 16.31 -18.82
CA LEU A 120 -12.83 14.95 -19.26
C LEU A 120 -14.28 14.52 -19.07
N GLY A 121 -15.13 15.42 -18.59
CA GLY A 121 -16.55 15.13 -18.42
C GLY A 121 -16.90 13.88 -17.61
N PHE A 122 -16.36 13.79 -16.40
CA PHE A 122 -16.71 12.76 -15.43
C PHE A 122 -16.15 13.08 -14.03
N SER A 123 -16.76 12.50 -13.00
CA SER A 123 -16.44 12.83 -11.61
C SER A 123 -15.96 11.64 -10.79
N ILE A 124 -15.31 11.90 -9.67
CA ILE A 124 -14.76 10.82 -8.87
C ILE A 124 -14.98 10.98 -7.37
N ALA A 125 -14.75 9.89 -6.65
CA ALA A 125 -14.81 9.86 -5.21
C ALA A 125 -13.78 8.84 -4.77
N GLY A 126 -13.65 8.66 -3.46
CA GLY A 126 -12.67 7.71 -2.94
C GLY A 126 -11.40 8.47 -2.64
N GLY A 127 -10.38 7.76 -2.23
CA GLY A 127 -9.16 8.41 -1.79
C GLY A 127 -8.85 7.93 -0.39
N VAL A 128 -7.69 8.28 0.13
CA VAL A 128 -7.21 7.72 1.39
C VAL A 128 -8.05 8.09 2.61
N GLY A 129 -8.33 9.38 2.79
CA GLY A 129 -9.18 9.73 3.91
C GLY A 129 -10.65 9.66 3.53
N ASN A 130 -10.91 9.29 2.29
CA ASN A 130 -12.22 9.49 1.72
C ASN A 130 -12.84 8.23 1.21
N GLN A 131 -12.61 7.14 1.91
CA GLN A 131 -13.05 5.84 1.43
C GLN A 131 -14.47 5.83 0.89
N HIS A 132 -14.57 5.61 -0.42
CA HIS A 132 -15.85 5.55 -1.12
C HIS A 132 -16.51 4.23 -0.85
N ILE A 133 -15.73 3.34 -0.24
CA ILE A 133 -16.17 2.00 0.08
C ILE A 133 -15.35 1.52 1.25
N PRO A 134 -16.02 1.12 2.32
CA PRO A 134 -15.34 0.73 3.54
C PRO A 134 -14.10 -0.12 3.30
N GLY A 135 -12.92 0.41 3.63
CA GLY A 135 -11.68 -0.32 3.50
C GLY A 135 -11.10 -0.29 2.10
N ASP A 136 -11.37 0.78 1.37
CA ASP A 136 -10.94 0.90 -0.01
C ASP A 136 -10.57 2.34 -0.41
N ASN A 137 -9.27 2.61 -0.44
CA ASN A 137 -8.78 3.95 -0.80
C ASN A 137 -8.74 4.16 -2.31
N SER A 138 -9.28 3.20 -3.03
CA SER A 138 -9.30 3.28 -4.48
C SER A 138 -10.14 4.47 -4.87
N ILE A 139 -9.96 4.89 -6.12
CA ILE A 139 -10.70 6.01 -6.65
C ILE A 139 -11.68 5.57 -7.73
N TYR A 140 -12.96 5.85 -7.49
CA TYR A 140 -14.02 5.39 -8.37
C TYR A 140 -14.66 6.53 -9.16
N VAL A 141 -15.27 6.16 -10.28
CA VAL A 141 -15.99 7.13 -11.09
C VAL A 141 -17.39 7.34 -10.51
N THR A 142 -17.58 8.47 -9.84
CA THR A 142 -18.87 8.84 -9.28
C THR A 142 -19.93 9.01 -10.36
N LYS A 143 -19.62 9.80 -11.38
CA LYS A 143 -20.62 10.16 -12.37
C LYS A 143 -20.02 10.48 -13.73
N ILE A 144 -20.68 10.03 -14.80
CA ILE A 144 -20.23 10.35 -16.14
C ILE A 144 -21.13 11.41 -16.76
N ILE A 145 -20.52 12.50 -17.18
CA ILE A 145 -21.25 13.65 -17.69
C ILE A 145 -21.64 13.46 -19.14
N GLU A 146 -22.91 13.71 -19.43
CA GLU A 146 -23.45 13.49 -20.76
C GLU A 146 -22.89 14.52 -21.72
N GLY A 147 -22.32 14.04 -22.82
CA GLY A 147 -21.69 14.90 -23.80
C GLY A 147 -20.21 14.99 -23.55
N GLY A 148 -19.82 14.89 -22.28
CA GLY A 148 -18.42 14.93 -21.90
C GLY A 148 -17.60 13.89 -22.63
N ALA A 149 -16.31 14.15 -22.77
CA ALA A 149 -15.42 13.22 -23.47
C ALA A 149 -15.59 11.76 -23.05
N ALA A 150 -15.66 11.52 -21.75
CA ALA A 150 -15.81 10.17 -21.21
C ALA A 150 -17.05 9.47 -21.75
N HIS A 151 -18.12 10.24 -21.89
CA HIS A 151 -19.36 9.75 -22.45
C HIS A 151 -19.18 9.39 -23.93
N LYS A 152 -18.68 10.36 -24.70
CA LYS A 152 -18.45 10.17 -26.13
C LYS A 152 -17.74 8.86 -26.40
N ASP A 153 -16.61 8.67 -25.75
CA ASP A 153 -15.81 7.47 -25.91
C ASP A 153 -16.62 6.27 -25.49
N GLY A 154 -17.38 6.44 -24.41
CA GLY A 154 -18.36 5.46 -23.98
C GLY A 154 -17.79 4.23 -23.30
N ARG A 155 -16.47 4.09 -23.31
CA ARG A 155 -15.84 2.95 -22.66
C ARG A 155 -15.99 3.03 -21.15
N LEU A 156 -15.73 4.20 -20.59
CA LEU A 156 -15.76 4.37 -19.12
C LEU A 156 -17.17 4.30 -18.55
N GLN A 157 -17.29 3.68 -17.39
CA GLN A 157 -18.58 3.53 -16.72
C GLN A 157 -18.48 3.93 -15.25
N ILE A 158 -19.62 4.22 -14.65
CA ILE A 158 -19.70 4.49 -13.22
C ILE A 158 -19.18 3.31 -12.37
N GLY A 159 -18.48 3.61 -11.30
CA GLY A 159 -18.03 2.58 -10.40
C GLY A 159 -16.74 1.93 -10.85
N ASP A 160 -16.14 2.42 -11.93
CA ASP A 160 -14.86 1.89 -12.38
C ASP A 160 -13.72 2.47 -11.55
N LYS A 161 -12.82 1.62 -11.05
CA LYS A 161 -11.60 2.11 -10.40
C LYS A 161 -10.69 2.78 -11.42
N ILE A 162 -10.19 3.96 -11.08
CA ILE A 162 -9.15 4.60 -11.87
C ILE A 162 -7.80 4.39 -11.20
N LEU A 163 -6.92 3.65 -11.87
CA LEU A 163 -5.71 3.19 -11.24
C LEU A 163 -4.54 4.12 -11.57
N ALA A 164 -4.61 4.75 -12.72
CA ALA A 164 -3.52 5.62 -13.13
C ALA A 164 -3.96 6.67 -14.15
N VAL A 165 -3.42 7.88 -13.99
CA VAL A 165 -3.51 8.93 -15.00
C VAL A 165 -2.16 9.08 -15.69
N ASN A 166 -2.09 8.71 -16.96
CA ASN A 166 -0.81 8.72 -17.64
C ASN A 166 0.16 7.89 -16.82
N SER A 167 1.32 8.46 -16.47
CA SER A 167 2.32 7.73 -15.69
C SER A 167 2.14 7.88 -14.18
N VAL A 168 1.00 8.44 -13.78
CA VAL A 168 0.73 8.68 -12.37
C VAL A 168 -0.25 7.67 -11.76
N GLY A 169 0.24 6.84 -10.83
CA GLY A 169 -0.59 5.86 -10.18
C GLY A 169 -1.45 6.49 -9.10
N LEU A 170 -2.62 5.91 -8.85
CA LEU A 170 -3.53 6.44 -7.82
C LEU A 170 -3.82 5.37 -6.76
N GLU A 171 -2.80 4.55 -6.50
CA GLU A 171 -2.87 3.54 -5.48
C GLU A 171 -2.63 4.17 -4.12
N ASP A 172 -3.69 4.24 -3.32
CA ASP A 172 -3.58 4.76 -1.96
C ASP A 172 -3.08 6.20 -1.97
N VAL A 173 -3.88 7.11 -2.52
CA VAL A 173 -3.52 8.52 -2.53
C VAL A 173 -4.62 9.38 -1.94
N MET A 174 -4.28 10.60 -1.54
CA MET A 174 -5.26 11.54 -1.01
C MET A 174 -6.25 11.89 -2.11
N HIS A 175 -7.50 12.10 -1.74
CA HIS A 175 -8.50 12.44 -2.73
C HIS A 175 -8.07 13.68 -3.51
N GLU A 176 -7.50 14.65 -2.79
CA GLU A 176 -7.04 15.88 -3.42
C GLU A 176 -5.95 15.56 -4.42
N ASP A 177 -5.05 14.66 -4.03
CA ASP A 177 -3.96 14.22 -4.89
C ASP A 177 -4.44 13.71 -6.23
N ALA A 178 -5.44 12.85 -6.18
CA ALA A 178 -6.03 12.32 -7.41
C ALA A 178 -6.58 13.45 -8.27
N VAL A 179 -7.38 14.31 -7.66
CA VAL A 179 -7.96 15.42 -8.38
C VAL A 179 -6.88 16.21 -9.07
N ALA A 180 -5.82 16.50 -8.33
CA ALA A 180 -4.68 17.24 -8.87
C ALA A 180 -4.06 16.54 -10.08
N ALA A 181 -3.89 15.23 -9.95
CA ALA A 181 -3.32 14.42 -11.00
C ALA A 181 -4.11 14.50 -12.30
N LEU A 182 -5.35 14.96 -12.23
CA LEU A 182 -6.21 15.02 -13.41
C LEU A 182 -6.24 16.43 -13.98
N LYS A 183 -6.21 17.42 -13.10
CA LYS A 183 -6.19 18.81 -13.53
C LYS A 183 -4.88 19.04 -14.23
N ASN A 184 -3.84 18.45 -13.68
CA ASN A 184 -2.51 18.58 -14.24
C ASN A 184 -2.29 17.57 -15.35
N THR A 185 -3.04 17.74 -16.44
CA THR A 185 -2.86 16.95 -17.64
C THR A 185 -3.01 17.84 -18.86
N TYR A 186 -2.65 17.33 -20.03
CA TYR A 186 -2.82 18.11 -21.23
C TYR A 186 -4.08 17.70 -21.97
N ASP A 187 -4.05 17.84 -23.29
CA ASP A 187 -5.21 17.56 -24.10
C ASP A 187 -5.54 16.08 -24.24
N VAL A 188 -4.53 15.23 -24.19
CA VAL A 188 -4.75 13.79 -24.28
C VAL A 188 -4.41 13.11 -22.95
N VAL A 189 -5.26 12.18 -22.55
CA VAL A 189 -5.11 11.51 -21.26
C VAL A 189 -5.32 10.00 -21.36
N TYR A 190 -4.34 9.25 -20.85
CA TYR A 190 -4.46 7.80 -20.81
C TYR A 190 -4.85 7.31 -19.42
N LEU A 191 -6.06 6.79 -19.31
CA LEU A 191 -6.58 6.29 -18.05
C LEU A 191 -6.49 4.79 -17.91
N LYS A 192 -5.78 4.31 -16.88
CA LYS A 192 -5.77 2.88 -16.61
C LYS A 192 -6.93 2.61 -15.65
N VAL A 193 -7.95 1.89 -16.11
CA VAL A 193 -9.15 1.69 -15.30
C VAL A 193 -9.41 0.22 -14.89
N ALA A 194 -10.33 0.04 -13.95
CA ALA A 194 -10.66 -1.30 -13.48
C ALA A 194 -12.17 -1.42 -13.32
N LYS A 195 -12.78 -2.32 -14.09
CA LYS A 195 -14.23 -2.46 -14.08
C LYS A 195 -14.58 -3.36 -12.90
N PRO A 196 -15.42 -2.86 -11.97
CA PRO A 196 -15.85 -3.59 -10.77
C PRO A 196 -16.29 -5.03 -11.09
N SER A 197 -16.49 -5.87 -10.07
CA SER A 197 -16.88 -7.26 -10.28
C SER A 197 -18.34 -7.52 -9.91
N MET B 1 0.95 -0.98 -21.46
CA MET B 1 0.21 0.15 -20.91
C MET B 1 1.17 1.22 -20.41
N HIS B 2 0.65 2.42 -20.16
CA HIS B 2 1.46 3.54 -19.73
C HIS B 2 1.93 3.42 -18.30
N HIS B 3 1.12 2.74 -17.50
CA HIS B 3 1.43 2.57 -16.09
C HIS B 3 1.33 1.09 -15.72
N HIS B 4 2.35 0.57 -15.05
CA HIS B 4 2.37 -0.84 -14.70
C HIS B 4 2.10 -1.04 -13.22
N HIS B 5 1.71 -2.26 -12.84
CA HIS B 5 1.25 -2.54 -11.48
C HIS B 5 2.39 -2.79 -10.49
N HIS B 6 2.93 -1.71 -9.94
CA HIS B 6 3.96 -1.83 -8.91
C HIS B 6 3.37 -2.48 -7.67
N PRO B 7 4.06 -3.49 -7.14
CA PRO B 7 3.62 -4.34 -6.03
C PRO B 7 4.18 -3.97 -4.66
N ARG B 8 3.28 -3.65 -3.72
CA ARG B 8 3.70 -3.49 -2.34
C ARG B 8 4.35 -4.82 -1.97
N GLY B 9 5.49 -4.75 -1.30
CA GLY B 9 6.18 -5.95 -0.88
C GLY B 9 7.68 -5.86 -1.08
N SER B 10 8.39 -6.90 -0.61
CA SER B 10 9.81 -7.04 -0.84
C SER B 10 10.06 -8.08 -1.92
N MET B 11 10.48 -7.62 -3.09
CA MET B 11 10.46 -8.48 -4.25
C MET B 11 11.80 -9.05 -4.65
N GLU B 12 11.75 -10.05 -5.51
CA GLU B 12 12.91 -10.80 -5.95
C GLU B 12 12.69 -11.17 -7.41
N TYR B 13 13.68 -10.93 -8.26
CA TYR B 13 13.58 -11.33 -9.67
C TYR B 13 14.54 -12.47 -10.00
N GLU B 14 14.09 -13.39 -10.85
CA GLU B 14 14.92 -14.51 -11.30
C GLU B 14 14.63 -14.89 -12.75
N GLU B 15 15.69 -15.18 -13.51
CA GLU B 15 15.53 -15.63 -14.89
C GLU B 15 15.71 -17.13 -15.00
N ILE B 16 14.59 -17.81 -15.23
CA ILE B 16 14.55 -19.26 -15.28
C ILE B 16 14.44 -19.73 -16.72
N THR B 17 15.44 -20.45 -17.19
CA THR B 17 15.43 -21.00 -18.54
C THR B 17 14.95 -22.44 -18.56
N LEU B 18 13.93 -22.73 -19.38
CA LEU B 18 13.31 -24.07 -19.45
C LEU B 18 13.39 -24.74 -20.82
N GLU B 19 13.54 -26.06 -20.80
CA GLU B 19 13.58 -26.86 -22.02
C GLU B 19 12.27 -27.63 -22.14
N ARG B 20 11.45 -27.23 -23.09
CA ARG B 20 10.11 -27.80 -23.24
C ARG B 20 10.09 -29.32 -23.29
N GLY B 21 9.33 -29.92 -22.37
CA GLY B 21 9.17 -31.36 -22.35
C GLY B 21 8.32 -31.84 -23.51
N ASN B 22 8.04 -33.13 -23.53
CA ASN B 22 7.18 -33.69 -24.56
C ASN B 22 5.73 -33.53 -24.16
N SER B 23 5.51 -32.62 -23.21
CA SER B 23 4.19 -32.42 -22.62
C SER B 23 4.05 -30.96 -22.22
N GLY B 24 4.81 -30.10 -22.90
CA GLY B 24 4.84 -28.69 -22.58
C GLY B 24 5.86 -28.33 -21.52
N LEU B 25 5.58 -27.26 -20.80
CA LEU B 25 6.50 -26.78 -19.78
C LEU B 25 6.10 -27.26 -18.39
N GLY B 26 4.90 -27.83 -18.29
CA GLY B 26 4.47 -28.46 -17.05
C GLY B 26 4.24 -27.50 -15.91
N PHE B 27 3.39 -26.49 -16.15
CA PHE B 27 2.87 -25.61 -15.10
C PHE B 27 1.65 -24.85 -15.62
N SER B 28 0.82 -24.35 -14.71
CA SER B 28 -0.42 -23.66 -15.06
C SER B 28 -0.35 -22.19 -14.66
N ILE B 29 -1.13 -21.35 -15.33
CA ILE B 29 -1.14 -19.92 -15.00
C ILE B 29 -2.55 -19.38 -14.72
N ALA B 30 -2.61 -18.12 -14.33
CA ALA B 30 -3.88 -17.43 -14.12
C ALA B 30 -3.68 -15.93 -14.08
N GLY B 31 -4.73 -15.17 -14.41
CA GLY B 31 -4.65 -13.73 -14.39
C GLY B 31 -4.57 -13.17 -15.80
N GLY B 32 -4.25 -11.89 -15.90
CA GLY B 32 -4.27 -11.21 -17.18
C GLY B 32 -5.35 -10.15 -17.16
N THR B 33 -5.35 -9.28 -18.16
CA THR B 33 -6.28 -8.16 -18.18
C THR B 33 -7.76 -8.59 -18.19
N ASP B 34 -8.06 -9.75 -18.78
CA ASP B 34 -9.46 -10.19 -18.90
C ASP B 34 -9.96 -10.94 -17.68
N ASN B 35 -9.02 -11.37 -16.86
CA ASN B 35 -9.36 -12.12 -15.66
C ASN B 35 -8.36 -11.94 -14.53
N PRO B 36 -8.16 -10.68 -14.10
CA PRO B 36 -7.16 -10.38 -13.07
C PRO B 36 -7.25 -11.42 -11.97
N HIS B 37 -6.11 -11.93 -11.54
CA HIS B 37 -6.08 -13.02 -10.60
C HIS B 37 -6.15 -12.56 -9.17
N ILE B 38 -5.57 -11.39 -8.89
CA ILE B 38 -5.56 -10.82 -7.56
C ILE B 38 -5.79 -9.34 -7.62
N GLY B 39 -6.72 -8.82 -6.82
CA GLY B 39 -6.93 -7.39 -6.77
C GLY B 39 -7.11 -6.73 -8.12
N ASP B 40 -6.27 -5.74 -8.42
CA ASP B 40 -6.28 -5.08 -9.73
C ASP B 40 -5.03 -5.44 -10.55
N ASP B 41 -4.58 -6.67 -10.43
CA ASP B 41 -3.33 -7.13 -10.98
C ASP B 41 -3.52 -8.03 -12.19
N PRO B 42 -3.22 -7.50 -13.38
CA PRO B 42 -3.37 -8.17 -14.66
C PRO B 42 -2.20 -9.08 -14.90
N SER B 43 -1.31 -9.14 -13.93
CA SER B 43 -0.10 -9.94 -14.04
C SER B 43 -0.43 -11.41 -14.12
N ILE B 44 0.49 -12.17 -14.72
CA ILE B 44 0.31 -13.60 -14.88
C ILE B 44 0.94 -14.34 -13.71
N PHE B 45 0.16 -15.18 -13.07
CA PHE B 45 0.65 -15.92 -11.91
C PHE B 45 0.72 -17.42 -12.18
N ILE B 46 1.74 -18.04 -11.63
CA ILE B 46 1.85 -19.49 -11.70
C ILE B 46 1.04 -20.14 -10.60
N THR B 47 0.04 -20.91 -11.01
CA THR B 47 -0.93 -21.47 -10.09
C THR B 47 -0.55 -22.88 -9.71
N LYS B 48 0.07 -23.59 -10.65
CA LYS B 48 0.35 -25.00 -10.42
C LYS B 48 1.70 -25.36 -11.00
N ILE B 49 2.34 -26.37 -10.41
CA ILE B 49 3.51 -26.99 -11.02
C ILE B 49 3.34 -28.50 -11.18
N ILE B 50 3.36 -28.98 -12.42
CA ILE B 50 3.17 -30.39 -12.72
C ILE B 50 4.42 -31.17 -12.37
N PRO B 51 4.25 -32.25 -11.59
CA PRO B 51 5.32 -33.15 -11.14
C PRO B 51 5.90 -33.90 -12.32
N GLY B 52 7.20 -34.15 -12.29
CA GLY B 52 7.86 -34.77 -13.42
C GLY B 52 7.70 -33.93 -14.68
N GLY B 53 7.25 -32.69 -14.50
CA GLY B 53 7.11 -31.76 -15.60
C GLY B 53 8.38 -30.95 -15.75
N ALA B 54 8.64 -30.45 -16.95
CA ALA B 54 9.86 -29.71 -17.25
C ALA B 54 10.17 -28.66 -16.18
N ALA B 55 9.16 -27.91 -15.75
CA ALA B 55 9.34 -26.87 -14.75
C ALA B 55 9.74 -27.46 -13.41
N ALA B 56 9.12 -28.60 -13.09
CA ALA B 56 9.41 -29.31 -11.86
C ALA B 56 10.87 -29.74 -11.78
N GLN B 57 11.34 -30.47 -12.80
CA GLN B 57 12.70 -31.00 -12.81
C GLN B 57 13.72 -29.90 -12.64
N ASP B 58 13.46 -28.74 -13.24
CA ASP B 58 14.33 -27.59 -13.07
C ASP B 58 14.22 -27.11 -11.64
N GLY B 59 12.98 -26.97 -11.18
CA GLY B 59 12.73 -26.70 -9.79
C GLY B 59 13.03 -25.29 -9.31
N ARG B 60 13.49 -24.44 -10.21
CA ARG B 60 13.73 -23.05 -9.84
C ARG B 60 12.39 -22.33 -9.66
N LEU B 61 11.49 -22.59 -10.60
CA LEU B 61 10.16 -21.97 -10.66
C LEU B 61 9.31 -22.38 -9.47
N ARG B 62 8.45 -21.48 -9.01
CA ARG B 62 7.64 -21.74 -7.84
C ARG B 62 6.25 -21.14 -7.98
N VAL B 63 5.28 -21.70 -7.28
CA VAL B 63 3.89 -21.18 -7.34
C VAL B 63 3.84 -19.71 -6.91
N ASN B 64 2.89 -18.97 -7.46
CA ASN B 64 2.72 -17.56 -7.15
C ASN B 64 3.86 -16.70 -7.65
N ASP B 65 4.75 -17.30 -8.42
CA ASP B 65 5.70 -16.50 -9.15
C ASP B 65 4.88 -15.73 -10.16
N SER B 66 5.26 -14.50 -10.39
CA SER B 66 4.61 -13.71 -11.42
C SER B 66 5.52 -13.68 -12.63
N ILE B 67 4.95 -13.93 -13.80
CA ILE B 67 5.71 -13.93 -15.05
C ILE B 67 5.64 -12.58 -15.73
N LEU B 68 6.81 -12.01 -16.00
CA LEU B 68 6.88 -10.70 -16.62
C LEU B 68 7.23 -10.79 -18.10
N PHE B 69 8.20 -11.64 -18.41
CA PHE B 69 8.65 -11.78 -19.79
C PHE B 69 8.83 -13.23 -20.18
N VAL B 70 8.27 -13.59 -21.32
CA VAL B 70 8.56 -14.88 -21.93
C VAL B 70 9.48 -14.59 -23.09
N ASN B 71 10.73 -15.01 -22.97
CA ASN B 71 11.74 -14.65 -23.95
C ASN B 71 11.83 -13.14 -24.10
N GLU B 72 11.23 -12.60 -25.14
CA GLU B 72 11.28 -11.17 -25.34
C GLU B 72 9.89 -10.56 -25.40
N VAL B 73 8.89 -11.35 -25.04
CA VAL B 73 7.51 -10.90 -24.98
C VAL B 73 7.15 -10.32 -23.62
N ASP B 74 6.53 -9.13 -23.61
CA ASP B 74 6.12 -8.51 -22.35
C ASP B 74 4.71 -8.96 -22.03
N VAL B 75 4.56 -9.65 -20.90
CA VAL B 75 3.27 -10.17 -20.53
C VAL B 75 2.76 -9.58 -19.23
N ARG B 76 3.11 -8.32 -18.99
CA ARG B 76 2.67 -7.70 -17.78
C ARG B 76 1.22 -7.35 -17.97
N GLU B 77 0.95 -6.74 -19.11
CA GLU B 77 -0.43 -6.42 -19.43
C GLU B 77 -0.92 -7.10 -20.69
N VAL B 78 -1.47 -8.31 -20.53
CA VAL B 78 -2.11 -8.99 -21.64
C VAL B 78 -3.27 -9.83 -21.19
N THR B 79 -4.05 -10.28 -22.17
CA THR B 79 -5.16 -11.19 -21.92
C THR B 79 -4.56 -12.55 -21.59
N HIS B 80 -5.32 -13.34 -20.84
CA HIS B 80 -4.86 -14.65 -20.42
C HIS B 80 -4.48 -15.45 -21.65
N SER B 81 -5.42 -15.54 -22.57
CA SER B 81 -5.21 -16.28 -23.78
C SER B 81 -3.88 -15.92 -24.44
N ALA B 82 -3.62 -14.62 -24.53
CA ALA B 82 -2.41 -14.08 -25.14
C ALA B 82 -1.15 -14.72 -24.59
N ALA B 83 -1.09 -14.82 -23.26
CA ALA B 83 0.06 -15.41 -22.58
C ALA B 83 0.23 -16.88 -22.97
N VAL B 84 -0.83 -17.65 -22.83
CA VAL B 84 -0.79 -19.06 -23.20
C VAL B 84 -0.13 -19.27 -24.58
N GLU B 85 -0.52 -18.43 -25.54
CA GLU B 85 0.01 -18.55 -26.88
C GLU B 85 1.49 -18.19 -26.89
N ALA B 86 1.83 -17.11 -26.19
CA ALA B 86 3.22 -16.68 -26.10
C ALA B 86 4.06 -17.81 -25.50
N LEU B 87 3.46 -18.57 -24.59
CA LEU B 87 4.15 -19.68 -23.95
C LEU B 87 4.27 -20.87 -24.88
N LYS B 88 3.40 -20.95 -25.88
CA LYS B 88 3.46 -22.03 -26.84
C LYS B 88 4.43 -21.70 -27.95
N GLU B 89 4.29 -20.49 -28.48
CA GLU B 89 5.10 -20.07 -29.61
C GLU B 89 6.52 -19.69 -29.18
N ALA B 90 6.88 -20.02 -27.94
CA ALA B 90 8.18 -19.63 -27.39
C ALA B 90 9.30 -20.59 -27.76
N GLY B 91 9.01 -21.55 -28.62
CA GLY B 91 10.03 -22.49 -29.06
C GLY B 91 10.47 -23.45 -27.97
N SER B 92 11.53 -24.20 -28.25
CA SER B 92 11.96 -25.28 -27.39
C SER B 92 12.71 -24.78 -26.16
N ILE B 93 13.38 -23.64 -26.29
CA ILE B 93 14.07 -23.08 -25.13
C ILE B 93 13.44 -21.76 -24.71
N VAL B 94 12.85 -21.78 -23.51
CA VAL B 94 12.05 -20.67 -22.98
C VAL B 94 12.73 -19.94 -21.82
N ARG B 95 13.03 -18.65 -22.01
CA ARG B 95 13.66 -17.87 -20.95
C ARG B 95 12.59 -17.07 -20.24
N LEU B 96 12.29 -17.47 -19.00
CA LEU B 96 11.27 -16.81 -18.20
C LEU B 96 11.86 -15.78 -17.23
N TYR B 97 11.33 -14.56 -17.26
CA TYR B 97 11.72 -13.57 -16.27
C TYR B 97 10.58 -13.45 -15.28
N VAL B 98 10.83 -13.92 -14.07
CA VAL B 98 9.78 -14.00 -13.05
C VAL B 98 10.13 -13.17 -11.81
N MET B 99 9.12 -12.82 -11.05
CA MET B 99 9.32 -12.09 -9.82
C MET B 99 8.43 -12.68 -8.76
N ARG B 100 8.89 -12.67 -7.51
CA ARG B 100 8.07 -13.08 -6.36
C ARG B 100 8.54 -12.40 -5.09
N ARG B 101 8.04 -12.88 -3.95
CA ARG B 101 8.38 -12.31 -2.65
C ARG B 101 9.49 -13.09 -1.99
N LYS B 102 10.22 -12.42 -1.11
CA LYS B 102 11.30 -13.05 -0.38
C LYS B 102 10.70 -13.77 0.81
N PRO B 103 11.36 -14.83 1.28
CA PRO B 103 10.93 -15.64 2.42
C PRO B 103 10.45 -14.83 3.63
N PRO B 104 9.43 -15.34 4.33
CA PRO B 104 8.87 -14.75 5.55
C PRO B 104 9.95 -14.68 6.60
N ALA B 105 9.83 -13.75 7.53
CA ALA B 105 10.81 -13.62 8.61
C ALA B 105 10.82 -14.89 9.43
N GLU B 106 11.95 -15.16 10.09
CA GLU B 106 12.01 -16.29 11.00
C GLU B 106 10.94 -16.14 12.08
N LYS B 107 10.77 -14.91 12.56
CA LYS B 107 9.76 -14.62 13.58
C LYS B 107 9.65 -13.14 13.98
N VAL B 108 8.52 -12.77 14.58
CA VAL B 108 8.27 -11.41 15.02
C VAL B 108 8.14 -11.30 16.54
N MET B 109 8.89 -10.39 17.14
CA MET B 109 8.81 -10.20 18.58
C MET B 109 8.79 -8.73 18.95
N GLU B 110 8.55 -8.46 20.23
CA GLU B 110 8.53 -7.10 20.75
C GLU B 110 9.54 -6.93 21.88
N ILE B 111 10.43 -5.96 21.72
CA ILE B 111 11.49 -5.74 22.68
C ILE B 111 11.32 -4.39 23.38
N LYS B 112 11.26 -4.42 24.71
CA LYS B 112 11.23 -3.18 25.47
C LYS B 112 12.65 -2.78 25.86
N LEU B 113 13.01 -1.52 25.61
CA LEU B 113 14.33 -1.04 25.97
C LEU B 113 14.23 0.19 26.86
N ILE B 114 15.25 0.36 27.70
CA ILE B 114 15.35 1.58 28.50
C ILE B 114 16.59 2.39 28.12
N LYS B 115 16.33 3.57 27.58
CA LYS B 115 17.35 4.40 26.99
C LYS B 115 18.51 4.61 27.93
N GLY B 116 19.71 4.32 27.46
CA GLY B 116 20.91 4.71 28.16
C GLY B 116 21.12 6.19 27.92
N PRO B 117 22.18 6.75 28.50
CA PRO B 117 22.46 8.18 28.30
C PRO B 117 22.94 8.40 26.88
N LYS B 118 23.32 7.29 26.23
CA LYS B 118 23.85 7.30 24.89
C LYS B 118 22.75 7.12 23.87
N GLY B 119 21.53 6.93 24.35
CA GLY B 119 20.44 6.49 23.50
C GLY B 119 20.32 4.98 23.60
N LEU B 120 19.72 4.37 22.59
CA LEU B 120 19.46 2.94 22.63
C LEU B 120 20.66 2.06 22.26
N GLY B 121 21.80 2.68 22.00
CA GLY B 121 23.02 1.94 21.70
C GLY B 121 22.90 0.91 20.57
N PHE B 122 22.45 1.38 19.40
CA PHE B 122 22.46 0.56 18.18
C PHE B 122 22.13 1.40 16.94
N SER B 123 22.57 0.93 15.77
CA SER B 123 22.48 1.71 14.53
C SER B 123 21.67 1.00 13.46
N ILE B 124 21.22 1.77 12.47
CA ILE B 124 20.35 1.24 11.44
C ILE B 124 20.70 1.68 10.02
N ALA B 125 20.15 0.96 9.05
CA ALA B 125 20.29 1.30 7.65
C ALA B 125 18.99 0.90 7.00
N GLY B 126 18.87 1.14 5.69
CA GLY B 126 17.64 0.85 4.97
C GLY B 126 16.74 2.06 4.97
N GLY B 127 15.54 1.91 4.44
CA GLY B 127 14.67 3.04 4.22
C GLY B 127 14.31 3.11 2.75
N VAL B 128 13.41 4.02 2.40
CA VAL B 128 12.84 4.03 1.06
C VAL B 128 13.82 4.35 -0.06
N GLY B 129 14.57 5.45 0.07
CA GLY B 129 15.57 5.74 -0.94
C GLY B 129 16.87 5.02 -0.63
N ASN B 130 16.89 4.28 0.47
CA ASN B 130 18.15 3.81 1.00
C ASN B 130 18.21 2.30 1.14
N GLN B 131 17.64 1.61 0.17
CA GLN B 131 17.53 0.16 0.27
C GLN B 131 18.82 -0.52 0.72
N HIS B 132 18.75 -1.06 1.94
CA HIS B 132 19.87 -1.78 2.53
C HIS B 132 20.01 -3.14 1.86
N ILE B 133 18.99 -3.49 1.10
CA ILE B 133 18.89 -4.77 0.42
C ILE B 133 18.04 -4.58 -0.83
N PRO B 134 18.59 -4.90 -1.98
CA PRO B 134 17.88 -4.68 -3.25
C PRO B 134 16.40 -5.04 -3.17
N GLY B 135 15.53 -4.05 -3.30
CA GLY B 135 14.10 -4.27 -3.32
C GLY B 135 13.48 -4.36 -1.93
N ASP B 136 14.09 -3.70 -0.96
CA ASP B 136 13.63 -3.81 0.42
C ASP B 136 13.81 -2.51 1.20
N ASN B 137 12.71 -1.80 1.37
CA ASN B 137 12.71 -0.51 2.09
C ASN B 137 12.66 -0.70 3.60
N SER B 138 12.75 -1.95 4.02
CA SER B 138 12.72 -2.24 5.44
C SER B 138 13.94 -1.62 6.10
N ILE B 139 13.88 -1.50 7.41
CA ILE B 139 14.95 -0.90 8.18
C ILE B 139 15.61 -1.96 9.05
N TYR B 140 16.91 -2.13 8.86
CA TYR B 140 17.65 -3.18 9.56
C TYR B 140 18.59 -2.61 10.59
N VAL B 141 18.95 -3.43 11.56
CA VAL B 141 19.94 -3.05 12.55
C VAL B 141 21.36 -3.26 11.99
N THR B 142 22.02 -2.14 11.68
CA THR B 142 23.37 -2.15 11.15
C THR B 142 24.36 -2.67 12.17
N LYS B 143 24.31 -2.11 13.37
CA LYS B 143 25.31 -2.43 14.37
C LYS B 143 24.78 -2.27 15.80
N ILE B 144 25.15 -3.20 16.68
CA ILE B 144 24.80 -3.09 18.08
C ILE B 144 25.98 -2.67 18.93
N ILE B 145 25.81 -1.56 19.63
CA ILE B 145 26.89 -0.95 20.40
C ILE B 145 27.09 -1.65 21.74
N GLU B 146 28.36 -1.96 22.03
CA GLU B 146 28.69 -2.71 23.24
C GLU B 146 28.49 -1.82 24.46
N GLY B 147 27.74 -2.33 25.43
CA GLY B 147 27.39 -1.56 26.61
C GLY B 147 26.05 -0.86 26.46
N GLY B 148 25.74 -0.49 25.22
CA GLY B 148 24.47 0.16 24.91
C GLY B 148 23.28 -0.66 25.37
N ALA B 149 22.17 0.01 25.61
CA ALA B 149 20.97 -0.65 26.11
C ALA B 149 20.61 -1.91 25.30
N ALA B 150 20.71 -1.82 23.98
CA ALA B 150 20.36 -2.92 23.09
C ALA B 150 21.19 -4.15 23.37
N HIS B 151 22.46 -3.90 23.67
CA HIS B 151 23.40 -4.95 24.03
C HIS B 151 23.03 -5.59 25.38
N LYS B 152 22.89 -4.76 26.41
CA LYS B 152 22.50 -5.23 27.74
C LYS B 152 21.31 -6.20 27.71
N ASP B 153 20.20 -5.75 27.10
CA ASP B 153 19.02 -6.57 26.93
C ASP B 153 19.37 -7.82 26.16
N GLY B 154 20.19 -7.67 25.12
CA GLY B 154 20.76 -8.79 24.41
C GLY B 154 19.81 -9.50 23.46
N ARG B 155 18.54 -9.12 23.50
CA ARG B 155 17.56 -9.73 22.59
C ARG B 155 17.82 -9.32 21.15
N LEU B 156 18.07 -8.04 20.94
CA LEU B 156 18.26 -7.53 19.58
C LEU B 156 19.57 -7.97 18.96
N GLN B 157 19.52 -8.26 17.66
CA GLN B 157 20.70 -8.70 16.92
C GLN B 157 20.83 -7.92 15.61
N ILE B 158 22.04 -7.93 15.05
CA ILE B 158 22.30 -7.32 13.74
C ILE B 158 21.47 -7.97 12.63
N GLY B 159 20.97 -7.15 11.72
CA GLY B 159 20.22 -7.66 10.60
C GLY B 159 18.74 -7.88 10.89
N ASP B 160 18.30 -7.51 12.09
CA ASP B 160 16.88 -7.63 12.45
C ASP B 160 16.07 -6.48 11.89
N LYS B 161 14.96 -6.77 11.21
CA LYS B 161 14.07 -5.72 10.75
C LYS B 161 13.41 -5.05 11.95
N ILE B 162 13.42 -3.72 11.94
CA ILE B 162 12.65 -2.97 12.92
C ILE B 162 11.38 -2.48 12.25
N LEU B 163 10.24 -2.97 12.74
CA LEU B 163 8.97 -2.74 12.07
C LEU B 163 8.21 -1.58 12.68
N ALA B 164 8.43 -1.34 13.97
CA ALA B 164 7.73 -0.25 14.61
C ALA B 164 8.46 0.27 15.85
N VAL B 165 8.42 1.59 16.04
CA VAL B 165 8.85 2.19 17.29
C VAL B 165 7.61 2.65 18.06
N ASN B 166 7.34 2.03 19.21
CA ASN B 166 6.12 2.33 19.91
C ASN B 166 4.95 2.17 18.95
N SER B 167 4.12 3.21 18.79
CA SER B 167 2.97 3.13 17.89
C SER B 167 3.29 3.58 16.47
N VAL B 168 4.57 3.78 16.19
CA VAL B 168 5.00 4.26 14.89
C VAL B 168 5.55 3.14 14.01
N GLY B 169 4.86 2.85 12.92
CA GLY B 169 5.31 1.84 11.99
C GLY B 169 6.40 2.36 11.07
N LEU B 170 7.28 1.48 10.61
CA LEU B 170 8.39 1.85 9.73
C LEU B 170 8.31 1.07 8.41
N GLU B 171 7.10 0.79 7.99
CA GLU B 171 6.85 0.12 6.73
C GLU B 171 6.95 1.14 5.61
N ASP B 172 7.99 1.03 4.80
CA ASP B 172 8.17 1.89 3.64
C ASP B 172 8.22 3.34 4.07
N VAL B 173 9.27 3.70 4.81
CA VAL B 173 9.48 5.09 5.21
C VAL B 173 10.87 5.59 4.79
N MET B 174 11.03 6.91 4.73
CA MET B 174 12.32 7.53 4.45
C MET B 174 13.29 7.18 5.56
N HIS B 175 14.56 6.99 5.21
CA HIS B 175 15.56 6.67 6.22
C HIS B 175 15.59 7.73 7.33
N GLU B 176 15.52 8.98 6.93
CA GLU B 176 15.49 10.08 7.89
C GLU B 176 14.28 9.94 8.81
N ASP B 177 13.14 9.60 8.22
CA ASP B 177 11.90 9.42 8.96
C ASP B 177 12.08 8.44 10.10
N ALA B 178 12.68 7.28 9.79
CA ALA B 178 12.94 6.26 10.78
C ALA B 178 13.82 6.81 11.89
N VAL B 179 14.94 7.40 11.50
CA VAL B 179 15.84 8.00 12.47
C VAL B 179 15.07 8.95 13.40
N ALA B 180 14.22 9.78 12.81
CA ALA B 180 13.44 10.75 13.57
C ALA B 180 12.53 10.05 14.56
N ALA B 181 11.91 8.97 14.11
CA ALA B 181 10.99 8.19 14.94
C ALA B 181 11.66 7.61 16.19
N LEU B 182 12.98 7.54 16.17
CA LEU B 182 13.73 6.99 17.30
C LEU B 182 14.27 8.08 18.23
N LYS B 183 14.69 9.20 17.64
CA LYS B 183 15.13 10.34 18.42
C LYS B 183 13.93 10.85 19.19
N ASN B 184 12.78 10.88 18.52
CA ASN B 184 11.57 11.34 19.16
C ASN B 184 10.93 10.24 19.98
N THR B 185 11.61 9.84 21.05
CA THR B 185 11.06 8.90 22.00
C THR B 185 11.48 9.32 23.40
N TYR B 186 10.90 8.69 24.41
CA TYR B 186 11.26 8.98 25.79
C TYR B 186 12.19 7.92 26.33
N ASP B 187 12.07 7.69 27.64
CA ASP B 187 12.97 6.80 28.37
C ASP B 187 12.74 5.33 28.06
N VAL B 188 11.53 4.99 27.65
CA VAL B 188 11.16 3.61 27.33
C VAL B 188 10.68 3.48 25.90
N VAL B 189 11.14 2.41 25.22
CA VAL B 189 10.81 2.21 23.82
C VAL B 189 10.41 0.77 23.52
N TYR B 190 9.26 0.59 22.90
CA TYR B 190 8.81 -0.74 22.49
C TYR B 190 9.07 -1.00 20.99
N LEU B 191 10.00 -1.91 20.73
CA LEU B 191 10.38 -2.24 19.37
C LEU B 191 9.74 -3.53 18.84
N LYS B 192 8.94 -3.43 17.78
CA LYS B 192 8.43 -4.60 17.12
C LYS B 192 9.46 -5.01 16.07
N VAL B 193 10.13 -6.13 16.28
CA VAL B 193 11.20 -6.54 15.37
C VAL B 193 10.93 -7.85 14.64
N ALA B 194 11.75 -8.13 13.61
CA ALA B 194 11.62 -9.33 12.80
C ALA B 194 13.00 -9.95 12.55
N LYS B 195 13.19 -11.17 13.06
CA LYS B 195 14.46 -11.83 12.93
C LYS B 195 14.53 -12.46 11.55
N PRO B 196 15.55 -12.08 10.74
CA PRO B 196 15.83 -12.62 9.41
C PRO B 196 15.68 -14.13 9.33
N SER B 197 15.38 -14.64 8.15
CA SER B 197 15.10 -16.06 7.99
C SER B 197 16.37 -16.90 7.88
N ASN B 198 16.19 -18.21 7.97
CA ASN B 198 17.28 -19.17 7.85
C ASN B 198 18.24 -19.12 9.05
N GLY C 9 -14.88 16.61 13.58
CA GLY C 9 -14.10 15.67 12.79
C GLY C 9 -14.93 14.82 11.82
N SER C 10 -14.82 15.15 10.54
CA SER C 10 -15.45 14.37 9.47
C SER C 10 -15.13 14.96 8.09
N MET C 11 -14.07 14.45 7.46
CA MET C 11 -13.48 15.03 6.24
C MET C 11 -14.42 15.10 5.06
N GLU C 12 -14.53 16.28 4.48
CA GLU C 12 -15.55 16.52 3.49
C GLU C 12 -15.01 17.47 2.44
N TYR C 13 -15.18 17.11 1.17
CA TYR C 13 -14.75 17.98 0.08
C TYR C 13 -15.96 18.52 -0.67
N GLU C 14 -15.87 19.77 -1.10
CA GLU C 14 -16.93 20.40 -1.88
C GLU C 14 -16.36 21.36 -2.94
N GLU C 15 -16.95 21.35 -4.13
CA GLU C 15 -16.54 22.27 -5.18
C GLU C 15 -17.53 23.41 -5.30
N ILE C 16 -17.10 24.56 -4.86
CA ILE C 16 -17.92 25.75 -4.84
C ILE C 16 -17.52 26.69 -5.97
N THR C 17 -18.45 26.93 -6.90
CA THR C 17 -18.20 27.86 -7.99
C THR C 17 -18.75 29.23 -7.64
N LEU C 18 -17.89 30.22 -7.64
CA LEU C 18 -18.30 31.57 -7.29
C LEU C 18 -18.22 32.54 -8.46
N GLU C 19 -19.15 33.48 -8.47
CA GLU C 19 -19.18 34.52 -9.48
C GLU C 19 -18.70 35.83 -8.85
N ARG C 20 -17.52 36.28 -9.24
CA ARG C 20 -16.90 37.43 -8.60
C ARG C 20 -17.80 38.65 -8.55
N GLY C 21 -18.03 39.18 -7.36
CA GLY C 21 -18.82 40.39 -7.19
C GLY C 21 -18.06 41.60 -7.68
N ASN C 22 -18.65 42.77 -7.48
CA ASN C 22 -17.99 44.01 -7.86
C ASN C 22 -17.04 44.47 -6.76
N SER C 23 -16.71 43.53 -5.88
CA SER C 23 -15.91 43.79 -4.69
C SER C 23 -15.09 42.57 -4.35
N GLY C 24 -14.81 41.75 -5.36
CA GLY C 24 -14.06 40.53 -5.16
C GLY C 24 -14.97 39.36 -4.83
N LEU C 25 -14.41 38.38 -4.12
CA LEU C 25 -15.16 37.18 -3.79
C LEU C 25 -15.74 37.27 -2.38
N GLY C 26 -15.29 38.25 -1.62
CA GLY C 26 -15.88 38.53 -0.32
C GLY C 26 -15.59 37.47 0.72
N PHE C 27 -14.30 37.21 0.92
CA PHE C 27 -13.85 36.39 2.05
C PHE C 27 -12.34 36.57 2.23
N SER C 28 -11.84 36.24 3.42
CA SER C 28 -10.43 36.44 3.75
C SER C 28 -9.74 35.11 3.99
N ILE C 29 -8.42 35.08 3.81
CA ILE C 29 -7.67 33.85 4.01
C ILE C 29 -6.48 34.02 4.94
N ALA C 30 -5.82 32.91 5.25
CA ALA C 30 -4.62 32.93 6.10
C ALA C 30 -3.86 31.62 5.95
N GLY C 31 -2.55 31.66 6.20
CA GLY C 31 -1.75 30.46 6.09
C GLY C 31 -0.90 30.47 4.84
N GLY C 32 -0.32 29.33 4.52
CA GLY C 32 0.64 29.25 3.44
C GLY C 32 2.01 28.93 4.00
N THR C 33 2.94 28.59 3.12
CA THR C 33 4.28 28.20 3.54
C THR C 33 5.02 29.28 4.35
N ASP C 34 4.80 30.54 4.03
CA ASP C 34 5.53 31.62 4.69
C ASP C 34 4.91 32.02 6.03
N ASN C 35 3.68 31.61 6.25
CA ASN C 35 2.98 31.96 7.48
C ASN C 35 1.96 30.91 7.87
N PRO C 36 2.40 29.66 8.05
CA PRO C 36 1.49 28.57 8.39
C PRO C 36 0.49 29.04 9.44
N HIS C 37 -0.78 28.72 9.22
CA HIS C 37 -1.85 29.27 10.05
C HIS C 37 -2.08 28.41 11.28
N ILE C 38 -1.87 27.12 11.14
CA ILE C 38 -2.07 26.18 12.22
C ILE C 38 -0.96 25.14 12.20
N GLY C 39 -0.37 24.87 13.36
CA GLY C 39 0.65 23.86 13.47
C GLY C 39 1.70 23.92 12.37
N ASP C 40 1.86 22.84 11.62
CA ASP C 40 2.80 22.80 10.51
C ASP C 40 2.05 22.76 9.18
N ASP C 41 0.93 23.48 9.13
CA ASP C 41 0.00 23.39 8.00
C ASP C 41 0.07 24.61 7.10
N PRO C 42 0.66 24.44 5.91
CA PRO C 42 0.89 25.51 4.94
C PRO C 42 -0.39 25.75 4.16
N SER C 43 -1.43 25.01 4.52
CA SER C 43 -2.69 25.10 3.81
C SER C 43 -3.32 26.45 3.98
N ILE C 44 -4.17 26.80 3.02
CA ILE C 44 -4.86 28.07 3.03
C ILE C 44 -6.22 27.94 3.71
N PHE C 45 -6.46 28.75 4.73
CA PHE C 45 -7.71 28.67 5.47
C PHE C 45 -8.54 29.90 5.27
N ILE C 46 -9.86 29.71 5.22
CA ILE C 46 -10.78 30.82 5.16
C ILE C 46 -11.05 31.34 6.57
N THR C 47 -10.67 32.59 6.80
CA THR C 47 -10.73 33.19 8.12
C THR C 47 -12.01 33.99 8.29
N LYS C 48 -12.47 34.60 7.20
CA LYS C 48 -13.61 35.50 7.29
C LYS C 48 -14.54 35.33 6.10
N ILE C 49 -15.81 35.61 6.32
CA ILE C 49 -16.75 35.72 5.21
C ILE C 49 -17.49 37.06 5.26
N ILE C 50 -17.31 37.86 4.22
CA ILE C 50 -17.92 39.17 4.13
C ILE C 50 -19.39 39.06 3.78
N PRO C 51 -20.24 39.71 4.58
CA PRO C 51 -21.69 39.75 4.43
C PRO C 51 -22.09 40.48 3.15
N GLY C 52 -23.14 40.02 2.49
CA GLY C 52 -23.52 40.59 1.21
C GLY C 52 -22.39 40.46 0.21
N GLY C 53 -21.40 39.62 0.54
CA GLY C 53 -20.29 39.33 -0.36
C GLY C 53 -20.60 38.10 -1.19
N ALA C 54 -19.98 38.02 -2.36
CA ALA C 54 -20.24 36.92 -3.30
C ALA C 54 -20.26 35.55 -2.63
N ALA C 55 -19.29 35.32 -1.76
CA ALA C 55 -19.18 34.05 -1.06
C ALA C 55 -20.34 33.84 -0.11
N ALA C 56 -20.77 34.93 0.53
CA ALA C 56 -21.89 34.92 1.46
C ALA C 56 -23.18 34.52 0.78
N GLN C 57 -23.52 35.21 -0.30
CA GLN C 57 -24.77 34.96 -1.02
C GLN C 57 -24.87 33.52 -1.48
N ASP C 58 -23.75 32.97 -1.92
CA ASP C 58 -23.72 31.56 -2.28
C ASP C 58 -23.93 30.71 -1.03
N GLY C 59 -23.22 31.06 0.04
CA GLY C 59 -23.44 30.46 1.34
C GLY C 59 -22.94 29.04 1.52
N ARG C 60 -22.39 28.45 0.47
CA ARG C 60 -21.82 27.11 0.58
C ARG C 60 -20.54 27.14 1.39
N LEU C 61 -19.71 28.13 1.08
CA LEU C 61 -18.41 28.32 1.72
C LEU C 61 -18.54 28.65 3.21
N ARG C 62 -17.58 28.20 4.00
CA ARG C 62 -17.64 28.38 5.44
C ARG C 62 -16.26 28.63 6.03
N VAL C 63 -16.23 29.29 7.18
CA VAL C 63 -14.95 29.58 7.84
C VAL C 63 -14.19 28.30 8.14
N ASN C 64 -12.86 28.38 8.16
CA ASN C 64 -12.02 27.23 8.45
C ASN C 64 -12.08 26.17 7.40
N ASP C 65 -12.75 26.48 6.29
CA ASP C 65 -12.61 25.63 5.12
C ASP C 65 -11.19 25.80 4.66
N SER C 66 -10.65 24.73 4.12
CA SER C 66 -9.33 24.78 3.54
C SER C 66 -9.45 24.79 2.03
N ILE C 67 -8.72 25.69 1.38
CA ILE C 67 -8.74 25.77 -0.08
C ILE C 67 -7.61 24.96 -0.72
N LEU C 68 -7.98 24.05 -1.61
CA LEU C 68 -7.02 23.18 -2.26
C LEU C 68 -6.72 23.65 -3.68
N PHE C 69 -7.77 23.99 -4.41
CA PHE C 69 -7.60 24.41 -5.79
C PHE C 69 -8.44 25.63 -6.11
N VAL C 70 -7.79 26.62 -6.71
CA VAL C 70 -8.50 27.74 -7.31
C VAL C 70 -8.52 27.50 -8.82
N ASN C 71 -9.68 27.18 -9.37
CA ASN C 71 -9.79 26.79 -10.75
C ASN C 71 -8.92 25.57 -11.03
N GLU C 72 -7.74 25.79 -11.62
CA GLU C 72 -6.84 24.69 -11.91
C GLU C 72 -5.48 24.88 -11.25
N VAL C 73 -5.41 25.83 -10.33
CA VAL C 73 -4.19 26.08 -9.59
C VAL C 73 -4.16 25.28 -8.29
N ASP C 74 -3.03 24.64 -8.02
CA ASP C 74 -2.88 23.88 -6.79
C ASP C 74 -2.28 24.78 -5.69
N VAL C 75 -3.04 24.97 -4.62
CA VAL C 75 -2.60 25.88 -3.56
C VAL C 75 -2.44 25.17 -2.21
N ARG C 76 -2.06 23.91 -2.26
CA ARG C 76 -1.88 23.18 -1.03
C ARG C 76 -0.58 23.65 -0.44
N GLU C 77 0.43 23.72 -1.28
CA GLU C 77 1.71 24.19 -0.81
C GLU C 77 2.18 25.40 -1.58
N VAL C 78 1.78 26.58 -1.10
CA VAL C 78 2.30 27.82 -1.66
C VAL C 78 2.44 28.90 -0.60
N THR C 79 3.14 29.96 -0.97
CA THR C 79 3.29 31.10 -0.11
C THR C 79 1.95 31.79 -0.07
N HIS C 80 1.69 32.50 1.02
CA HIS C 80 0.44 33.23 1.19
C HIS C 80 0.22 34.16 0.00
N SER C 81 1.21 35.00 -0.27
CA SER C 81 1.14 35.93 -1.38
C SER C 81 0.70 35.25 -2.68
N ALA C 82 1.32 34.11 -2.96
CA ALA C 82 1.02 33.29 -4.14
C ALA C 82 -0.47 33.03 -4.33
N ALA C 83 -1.12 32.62 -3.25
CA ALA C 83 -2.54 32.34 -3.24
C ALA C 83 -3.38 33.58 -3.57
N VAL C 84 -3.12 34.67 -2.86
CA VAL C 84 -3.84 35.91 -3.12
C VAL C 84 -3.85 36.26 -4.61
N GLU C 85 -2.70 36.09 -5.25
CA GLU C 85 -2.59 36.39 -6.68
C GLU C 85 -3.43 35.42 -7.50
N ALA C 86 -3.31 34.14 -7.18
CA ALA C 86 -4.10 33.11 -7.84
C ALA C 86 -5.58 33.42 -7.73
N LEU C 87 -5.97 34.00 -6.60
CA LEU C 87 -7.36 34.36 -6.36
C LEU C 87 -7.77 35.60 -7.13
N LYS C 88 -6.80 36.43 -7.50
CA LYS C 88 -7.08 37.61 -8.28
C LYS C 88 -7.10 37.27 -9.76
N GLU C 89 -6.08 36.56 -10.21
CA GLU C 89 -5.94 36.23 -11.61
C GLU C 89 -6.89 35.11 -12.03
N ALA C 90 -7.85 34.78 -11.17
CA ALA C 90 -8.76 33.65 -11.41
C ALA C 90 -9.95 34.03 -12.27
N GLY C 91 -9.96 35.26 -12.78
CA GLY C 91 -11.03 35.69 -13.66
C GLY C 91 -12.34 35.88 -12.94
N SER C 92 -13.40 36.09 -13.70
CA SER C 92 -14.70 36.45 -13.14
C SER C 92 -15.44 35.26 -12.54
N ILE C 93 -15.19 34.07 -13.07
CA ILE C 93 -15.83 32.88 -12.51
C ILE C 93 -14.83 31.93 -11.87
N VAL C 94 -14.91 31.81 -10.54
CA VAL C 94 -13.89 31.13 -9.75
C VAL C 94 -14.39 29.82 -9.15
N ARG C 95 -13.78 28.70 -9.56
CA ARG C 95 -14.15 27.40 -9.03
C ARG C 95 -13.19 26.98 -7.92
N LEU C 96 -13.73 26.84 -6.72
CA LEU C 96 -12.95 26.50 -5.53
C LEU C 96 -13.14 25.05 -5.09
N TYR C 97 -12.04 24.35 -4.87
CA TYR C 97 -12.12 23.01 -4.31
C TYR C 97 -11.66 23.08 -2.87
N VAL C 98 -12.62 22.90 -1.96
CA VAL C 98 -12.36 23.12 -0.55
C VAL C 98 -12.60 21.86 0.26
N MET C 99 -12.01 21.81 1.44
CA MET C 99 -12.25 20.71 2.33
C MET C 99 -12.40 21.23 3.74
N ARG C 100 -13.23 20.54 4.52
CA ARG C 100 -13.39 20.87 5.94
C ARG C 100 -13.79 19.63 6.69
N ARG C 101 -14.05 19.83 7.98
CA ARG C 101 -14.45 18.76 8.86
C ARG C 101 -15.83 19.02 9.44
N LYS C 102 -16.76 18.11 9.24
CA LYS C 102 -18.01 18.21 9.97
C LYS C 102 -17.71 17.90 11.42
N PRO C 103 -18.40 18.60 12.33
CA PRO C 103 -18.28 18.28 13.75
C PRO C 103 -19.57 17.63 14.26
N PRO C 104 -19.43 16.56 15.06
CA PRO C 104 -20.48 15.64 15.52
C PRO C 104 -21.88 16.27 15.65
N ALA C 105 -22.81 15.78 14.83
CA ALA C 105 -24.21 16.21 14.91
C ALA C 105 -25.02 15.25 15.77
N GLU C 106 -24.50 14.93 16.94
CA GLU C 106 -25.12 13.89 17.75
C GLU C 106 -25.44 14.36 19.15
N LYS C 107 -26.44 13.69 19.72
CA LYS C 107 -26.68 13.67 21.14
C LYS C 107 -26.06 12.38 21.65
N VAL C 108 -25.80 12.32 22.94
CA VAL C 108 -24.88 11.33 23.48
C VAL C 108 -25.38 10.73 24.78
N MET C 109 -25.39 9.40 24.85
CA MET C 109 -25.83 8.72 26.06
C MET C 109 -24.89 7.58 26.45
N GLU C 110 -25.12 7.01 27.62
CA GLU C 110 -24.31 5.91 28.12
C GLU C 110 -25.20 4.71 28.43
N ILE C 111 -24.86 3.58 27.82
CA ILE C 111 -25.64 2.37 27.96
C ILE C 111 -24.85 1.27 28.66
N LYS C 112 -25.39 0.76 29.77
CA LYS C 112 -24.76 -0.34 30.47
C LYS C 112 -25.36 -1.63 29.94
N LEU C 113 -24.50 -2.58 29.62
CA LEU C 113 -24.97 -3.88 29.14
C LEU C 113 -24.40 -5.01 29.96
N ILE C 114 -25.15 -6.10 30.03
CA ILE C 114 -24.65 -7.30 30.69
C ILE C 114 -24.49 -8.44 29.67
N LYS C 115 -23.25 -8.84 29.47
CA LYS C 115 -22.89 -9.78 28.43
C LYS C 115 -23.73 -11.04 28.50
N GLY C 116 -24.35 -11.38 27.39
CA GLY C 116 -24.99 -12.68 27.24
C GLY C 116 -23.89 -13.69 26.99
N PRO C 117 -24.25 -14.96 26.82
CA PRO C 117 -23.23 -15.99 26.60
C PRO C 117 -22.71 -15.84 25.18
N LYS C 118 -23.45 -15.08 24.39
CA LYS C 118 -23.10 -14.84 23.01
C LYS C 118 -22.22 -13.60 22.85
N GLY C 119 -21.95 -12.94 23.97
CA GLY C 119 -21.38 -11.61 23.91
C GLY C 119 -22.50 -10.59 23.95
N LEU C 120 -22.22 -9.38 23.48
CA LEU C 120 -23.16 -8.28 23.60
C LEU C 120 -24.27 -8.29 22.54
N GLY C 121 -24.27 -9.30 21.68
CA GLY C 121 -25.31 -9.44 20.69
C GLY C 121 -25.53 -8.22 19.80
N PHE C 122 -24.46 -7.74 19.17
CA PHE C 122 -24.55 -6.71 18.13
C PHE C 122 -23.21 -6.55 17.38
N SER C 123 -23.27 -6.01 16.16
CA SER C 123 -22.10 -5.93 15.29
C SER C 123 -21.71 -4.51 14.90
N ILE C 124 -20.48 -4.33 14.43
CA ILE C 124 -20.01 -3.00 14.07
C ILE C 124 -19.25 -2.92 12.76
N ALA C 125 -19.11 -1.69 12.28
CA ALA C 125 -18.32 -1.40 11.09
C ALA C 125 -17.68 -0.04 11.32
N GLY C 126 -16.86 0.41 10.38
CA GLY C 126 -16.16 1.67 10.53
C GLY C 126 -14.80 1.43 11.13
N GLY C 127 -14.07 2.49 11.42
CA GLY C 127 -12.69 2.35 11.85
C GLY C 127 -11.81 3.14 10.90
N VAL C 128 -10.53 3.26 11.22
CA VAL C 128 -9.66 4.18 10.49
C VAL C 128 -9.45 3.82 9.02
N GLY C 129 -9.05 2.58 8.76
CA GLY C 129 -8.89 2.17 7.39
C GLY C 129 -10.20 1.68 6.79
N ASN C 130 -11.25 1.72 7.59
CA ASN C 130 -12.49 1.05 7.23
C ASN C 130 -13.70 1.96 7.23
N GLN C 131 -13.51 3.19 6.77
CA GLN C 131 -14.57 4.18 6.83
C GLN C 131 -15.91 3.64 6.37
N HIS C 132 -16.82 3.52 7.34
CA HIS C 132 -18.18 3.07 7.10
C HIS C 132 -18.97 4.16 6.41
N ILE C 133 -18.39 5.35 6.39
CA ILE C 133 -19.00 6.52 5.82
C ILE C 133 -17.87 7.43 5.37
N PRO C 134 -17.84 7.77 4.09
CA PRO C 134 -16.79 8.59 3.53
C PRO C 134 -16.36 9.73 4.45
N GLY C 135 -15.12 9.66 4.93
CA GLY C 135 -14.54 10.70 5.75
C GLY C 135 -14.90 10.56 7.22
N ASP C 136 -15.18 9.34 7.66
CA ASP C 136 -15.63 9.11 9.02
C ASP C 136 -15.06 7.82 9.61
N ASN C 137 -14.05 7.96 10.46
CA ASN C 137 -13.42 6.82 11.10
C ASN C 137 -14.20 6.34 12.32
N SER C 138 -15.37 6.93 12.51
CA SER C 138 -16.21 6.56 13.62
C SER C 138 -16.65 5.11 13.49
N ILE C 139 -17.07 4.53 14.61
CA ILE C 139 -17.51 3.16 14.63
C ILE C 139 -19.00 3.06 14.87
N TYR C 140 -19.69 2.46 13.91
CA TYR C 140 -21.15 2.39 13.96
C TYR C 140 -21.67 0.99 14.24
N VAL C 141 -22.89 0.92 14.74
CA VAL C 141 -23.52 -0.36 14.96
C VAL C 141 -24.14 -0.86 13.65
N THR C 142 -23.49 -1.85 13.05
CA THR C 142 -23.96 -2.48 11.83
C THR C 142 -25.30 -3.17 12.04
N LYS C 143 -25.39 -4.00 13.07
CA LYS C 143 -26.56 -4.84 13.23
C LYS C 143 -26.79 -5.24 14.68
N ILE C 144 -28.04 -5.23 15.12
CA ILE C 144 -28.38 -5.68 16.47
C ILE C 144 -29.01 -7.04 16.41
N ILE C 145 -28.42 -7.98 17.15
CA ILE C 145 -28.85 -9.36 17.15
C ILE C 145 -30.05 -9.58 18.05
N GLU C 146 -31.05 -10.28 17.51
CA GLU C 146 -32.30 -10.52 18.22
C GLU C 146 -32.09 -11.50 19.37
N GLY C 147 -32.50 -11.10 20.56
CA GLY C 147 -32.25 -11.88 21.75
C GLY C 147 -30.98 -11.44 22.48
N GLY C 148 -30.01 -10.97 21.70
CA GLY C 148 -28.76 -10.49 22.27
C GLY C 148 -28.98 -9.39 23.28
N ALA C 149 -28.03 -9.27 24.20
CA ALA C 149 -28.13 -8.31 25.27
C ALA C 149 -28.53 -6.92 24.77
N ALA C 150 -27.93 -6.48 23.66
CA ALA C 150 -28.18 -5.15 23.13
C ALA C 150 -29.65 -4.98 22.78
N HIS C 151 -30.24 -6.06 22.26
CA HIS C 151 -31.66 -6.08 21.92
C HIS C 151 -32.52 -5.98 23.18
N LYS C 152 -32.30 -6.90 24.12
CA LYS C 152 -32.99 -6.89 25.41
C LYS C 152 -33.10 -5.50 26.02
N ASP C 153 -31.94 -4.87 26.24
CA ASP C 153 -31.89 -3.52 26.77
C ASP C 153 -32.69 -2.57 25.89
N GLY C 154 -32.54 -2.74 24.57
CA GLY C 154 -33.36 -2.05 23.60
C GLY C 154 -32.98 -0.60 23.37
N ARG C 155 -32.05 -0.09 24.16
CA ARG C 155 -31.64 1.30 24.02
C ARG C 155 -30.85 1.47 22.73
N LEU C 156 -29.93 0.56 22.48
CA LEU C 156 -29.04 0.68 21.34
C LEU C 156 -29.77 0.44 20.02
N GLN C 157 -29.41 1.22 19.01
CA GLN C 157 -29.99 1.09 17.68
C GLN C 157 -28.92 1.05 16.59
N ILE C 158 -29.30 0.54 15.41
CA ILE C 158 -28.40 0.52 14.27
C ILE C 158 -27.98 1.94 13.87
N GLY C 159 -26.72 2.07 13.47
CA GLY C 159 -26.24 3.35 12.99
C GLY C 159 -25.82 4.29 14.10
N ASP C 160 -25.84 3.81 15.35
CA ASP C 160 -25.35 4.61 16.47
C ASP C 160 -23.82 4.58 16.55
N LYS C 161 -23.21 5.76 16.69
CA LYS C 161 -21.77 5.81 16.93
C LYS C 161 -21.44 5.25 18.30
N ILE C 162 -20.45 4.38 18.39
CA ILE C 162 -19.92 3.96 19.67
C ILE C 162 -18.62 4.69 19.92
N LEU C 163 -18.62 5.51 20.95
CA LEU C 163 -17.51 6.42 21.18
C LEU C 163 -16.54 5.86 22.21
N ALA C 164 -17.03 5.00 23.10
CA ALA C 164 -16.14 4.43 24.09
C ALA C 164 -16.67 3.13 24.67
N VAL C 165 -15.76 2.21 24.93
CA VAL C 165 -16.06 1.02 25.72
C VAL C 165 -15.41 1.14 27.09
N ASN C 166 -16.23 1.25 28.12
CA ASN C 166 -15.70 1.53 29.45
C ASN C 166 -14.80 2.76 29.35
N SER C 167 -13.56 2.66 29.81
CA SER C 167 -12.64 3.80 29.78
C SER C 167 -11.84 3.89 28.48
N VAL C 168 -12.24 3.11 27.48
CA VAL C 168 -11.52 3.05 26.22
C VAL C 168 -12.26 3.81 25.12
N GLY C 169 -11.65 4.89 24.66
CA GLY C 169 -12.22 5.68 23.57
C GLY C 169 -11.97 5.03 22.22
N LEU C 170 -12.88 5.26 21.29
CA LEU C 170 -12.78 4.71 19.94
C LEU C 170 -12.76 5.81 18.90
N GLU C 171 -12.17 6.94 19.27
CA GLU C 171 -12.01 8.08 18.38
C GLU C 171 -10.82 7.83 17.47
N ASP C 172 -11.09 7.59 16.21
CA ASP C 172 -10.03 7.39 15.23
C ASP C 172 -9.17 6.21 15.61
N VAL C 173 -9.75 5.02 15.58
CA VAL C 173 -8.97 3.79 15.85
C VAL C 173 -9.11 2.78 14.72
N MET C 174 -8.19 1.84 14.68
CA MET C 174 -8.24 0.75 13.70
C MET C 174 -9.47 -0.10 13.99
N HIS C 175 -10.09 -0.61 12.93
CA HIS C 175 -11.29 -1.43 13.09
C HIS C 175 -10.99 -2.61 14.02
N GLU C 176 -9.85 -3.25 13.80
CA GLU C 176 -9.43 -4.36 14.65
C GLU C 176 -9.32 -3.90 16.10
N ASP C 177 -8.76 -2.72 16.30
CA ASP C 177 -8.58 -2.15 17.63
C ASP C 177 -9.91 -2.09 18.37
N ALA C 178 -10.93 -1.53 17.70
CA ALA C 178 -12.27 -1.44 18.29
C ALA C 178 -12.79 -2.82 18.69
N VAL C 179 -12.77 -3.75 17.73
CA VAL C 179 -13.20 -5.13 18.00
C VAL C 179 -12.50 -5.68 19.24
N ALA C 180 -11.18 -5.47 19.32
CA ALA C 180 -10.39 -5.94 20.45
C ALA C 180 -10.89 -5.32 21.74
N ALA C 181 -11.19 -4.02 21.67
CA ALA C 181 -11.65 -3.27 22.84
C ALA C 181 -12.96 -3.81 23.40
N LEU C 182 -13.67 -4.59 22.60
CA LEU C 182 -14.93 -5.16 23.03
C LEU C 182 -14.77 -6.60 23.52
N LYS C 183 -13.92 -7.36 22.85
CA LYS C 183 -13.65 -8.73 23.28
C LYS C 183 -12.98 -8.66 24.65
N ASN C 184 -12.10 -7.70 24.82
CA ASN C 184 -11.42 -7.52 26.08
C ASN C 184 -12.26 -6.72 27.06
N THR C 185 -13.37 -7.32 27.46
CA THR C 185 -14.21 -6.76 28.51
C THR C 185 -14.71 -7.89 29.40
N TYR C 186 -15.34 -7.51 30.52
CA TYR C 186 -15.91 -8.50 31.41
C TYR C 186 -17.41 -8.65 31.18
N ASP C 187 -18.16 -9.13 32.18
CA ASP C 187 -19.59 -9.36 31.97
C ASP C 187 -20.36 -8.04 31.86
N VAL C 188 -19.87 -7.01 32.54
CA VAL C 188 -20.52 -5.70 32.46
C VAL C 188 -19.72 -4.74 31.58
N VAL C 189 -20.45 -4.00 30.76
CA VAL C 189 -19.85 -3.11 29.79
C VAL C 189 -20.55 -1.77 29.72
N TYR C 190 -19.80 -0.69 29.89
CA TYR C 190 -20.34 0.65 29.77
C TYR C 190 -20.04 1.28 28.41
N LEU C 191 -21.09 1.45 27.60
CA LEU C 191 -20.96 1.99 26.26
C LEU C 191 -21.32 3.48 26.17
N LYS C 192 -20.37 4.32 25.78
CA LYS C 192 -20.67 5.71 25.50
C LYS C 192 -21.07 5.79 24.03
N VAL C 193 -22.34 6.08 23.77
CA VAL C 193 -22.89 6.07 22.40
C VAL C 193 -23.35 7.46 21.91
N ALA C 194 -23.57 7.55 20.60
CA ALA C 194 -24.03 8.79 19.98
C ALA C 194 -25.11 8.50 18.96
N LYS C 195 -26.31 9.02 19.23
CA LYS C 195 -27.45 8.79 18.35
C LYS C 195 -27.42 9.83 17.23
N PRO C 196 -27.40 9.39 15.97
CA PRO C 196 -27.49 10.59 15.15
C PRO C 196 -28.93 11.09 15.02
N SER D 10 24.54 9.85 -5.57
CA SER D 10 23.81 8.84 -4.82
C SER D 10 24.00 9.00 -3.31
N MET D 11 22.90 9.06 -2.59
CA MET D 11 22.88 9.38 -1.16
C MET D 11 23.87 8.57 -0.31
N GLU D 12 24.26 9.14 0.82
CA GLU D 12 25.10 8.44 1.78
C GLU D 12 24.88 9.07 3.14
N TYR D 13 24.60 8.24 4.15
CA TYR D 13 24.44 8.75 5.50
C TYR D 13 25.59 8.29 6.39
N GLU D 14 26.02 9.16 7.31
CA GLU D 14 27.07 8.82 8.28
C GLU D 14 26.82 9.48 9.63
N GLU D 15 27.05 8.73 10.71
CA GLU D 15 26.93 9.30 12.04
C GLU D 15 28.30 9.63 12.61
N ILE D 16 28.57 10.92 12.69
CA ILE D 16 29.86 11.42 13.15
C ILE D 16 29.76 11.96 14.58
N THR D 17 30.48 11.34 15.50
CA THR D 17 30.47 11.79 16.88
C THR D 17 31.65 12.70 17.17
N ASP D 65 28.48 18.62 3.09
CA ASP D 65 27.70 17.71 3.93
C ASP D 65 26.39 18.38 4.38
N SER D 66 25.39 17.57 4.72
CA SER D 66 24.13 18.08 5.26
C SER D 66 23.88 17.48 6.65
N ILE D 67 23.57 18.35 7.60
CA ILE D 67 23.29 17.90 8.97
C ILE D 67 21.80 17.70 9.19
N LEU D 68 21.44 16.49 9.62
CA LEU D 68 20.05 16.15 9.85
C LEU D 68 19.71 16.15 11.33
N PHE D 69 20.59 15.58 12.14
CA PHE D 69 20.34 15.53 13.57
C PHE D 69 21.58 15.85 14.38
N VAL D 70 21.40 16.73 15.36
CA VAL D 70 22.40 16.97 16.36
C VAL D 70 21.95 16.28 17.64
N ASN D 71 22.64 15.20 17.99
CA ASN D 71 22.19 14.35 19.10
C ASN D 71 20.79 13.82 18.85
N GLU D 72 19.80 14.43 19.46
CA GLU D 72 18.42 14.00 19.25
C GLU D 72 17.54 15.13 18.74
N VAL D 73 18.18 16.22 18.31
CA VAL D 73 17.47 17.36 17.73
C VAL D 73 17.33 17.24 16.22
N ASP D 74 16.13 17.47 15.71
CA ASP D 74 15.90 17.40 14.28
C ASP D 74 16.08 18.75 13.60
N VAL D 75 16.89 18.76 12.53
CA VAL D 75 17.18 19.97 11.76
C VAL D 75 16.89 19.76 10.26
N ARG D 95 27.10 14.07 18.99
CA ARG D 95 26.99 13.10 17.92
C ARG D 95 26.18 13.67 16.76
N LEU D 96 26.74 13.58 15.56
CA LEU D 96 26.16 14.20 14.37
C LEU D 96 25.69 13.18 13.35
N TYR D 97 24.45 13.33 12.89
CA TYR D 97 23.96 12.50 11.81
C TYR D 97 23.93 13.34 10.55
N VAL D 98 24.83 13.02 9.64
CA VAL D 98 25.03 13.84 8.45
C VAL D 98 24.76 13.05 7.18
N MET D 99 24.49 13.77 6.11
CA MET D 99 24.29 13.16 4.81
C MET D 99 24.98 13.98 3.74
N ARG D 100 25.49 13.30 2.71
CA ARG D 100 26.06 13.96 1.55
C ARG D 100 25.86 13.06 0.34
N ARG D 101 26.24 13.47 -0.86
CA ARG D 101 25.96 12.61 -2.01
C ARG D 101 27.11 12.44 -3.00
N LYS D 102 27.29 11.21 -3.44
CA LYS D 102 28.40 10.86 -4.33
C LYS D 102 28.09 11.18 -5.78
N PRO D 103 29.15 11.35 -6.57
CA PRO D 103 29.13 11.58 -8.02
C PRO D 103 29.52 10.30 -8.76
N PRO D 104 29.90 10.43 -10.04
CA PRO D 104 30.30 9.24 -10.81
C PRO D 104 31.82 9.07 -10.91
N ALA D 105 32.33 7.98 -10.37
CA ALA D 105 33.74 7.64 -10.57
C ALA D 105 33.89 6.96 -11.94
N GLU D 106 33.14 7.47 -12.91
CA GLU D 106 32.89 6.73 -14.14
C GLU D 106 33.43 7.34 -15.43
N LYS D 107 33.99 6.49 -16.26
CA LYS D 107 34.23 6.78 -17.65
C LYS D 107 33.03 6.26 -18.42
N VAL D 108 32.78 6.80 -19.59
CA VAL D 108 31.57 6.46 -20.32
C VAL D 108 31.86 6.10 -21.76
N MET D 109 31.35 4.95 -22.20
CA MET D 109 31.55 4.50 -23.58
C MET D 109 30.26 3.99 -24.19
N GLU D 110 30.31 3.70 -25.49
CA GLU D 110 29.15 3.18 -26.18
C GLU D 110 29.51 1.87 -26.86
N ILE D 111 28.73 0.84 -26.57
CA ILE D 111 28.99 -0.50 -27.10
C ILE D 111 27.88 -0.96 -28.03
N LYS D 112 28.23 -1.33 -29.24
CA LYS D 112 27.28 -1.88 -30.19
C LYS D 112 27.30 -3.39 -30.07
N LEU D 113 26.13 -3.99 -29.94
CA LEU D 113 26.03 -5.44 -29.86
C LEU D 113 25.11 -6.00 -30.92
N ILE D 114 25.40 -7.24 -31.34
CA ILE D 114 24.51 -7.92 -32.26
C ILE D 114 23.88 -9.13 -31.58
N LYS D 115 22.57 -9.07 -31.43
CA LYS D 115 21.82 -10.05 -30.66
C LYS D 115 22.10 -11.45 -31.12
N GLY D 116 22.50 -12.30 -30.18
CA GLY D 116 22.57 -13.73 -30.44
C GLY D 116 21.15 -14.26 -30.42
N PRO D 117 20.99 -15.57 -30.62
CA PRO D 117 19.64 -16.15 -30.61
C PRO D 117 19.16 -16.21 -29.17
N LYS D 118 20.09 -16.02 -28.24
CA LYS D 118 19.80 -16.07 -26.82
C LYS D 118 19.48 -14.69 -26.27
N GLY D 119 19.55 -13.69 -27.14
CA GLY D 119 19.51 -12.31 -26.70
C GLY D 119 20.94 -11.81 -26.55
N LEU D 120 21.11 -10.76 -25.76
CA LEU D 120 22.42 -10.14 -25.64
C LEU D 120 23.37 -10.87 -24.71
N GLY D 121 22.94 -11.98 -24.13
CA GLY D 121 23.81 -12.78 -23.27
C GLY D 121 24.43 -12.03 -22.11
N PHE D 122 23.59 -11.36 -21.31
CA PHE D 122 24.01 -10.78 -20.04
C PHE D 122 22.80 -10.33 -19.20
N SER D 123 23.01 -10.20 -17.89
CA SER D 123 21.92 -9.93 -16.96
C SER D 123 22.12 -8.64 -16.17
N ILE D 124 21.04 -8.15 -15.59
CA ILE D 124 21.10 -6.88 -14.86
C ILE D 124 20.36 -6.88 -13.52
N ALA D 125 20.67 -5.86 -12.72
CA ALA D 125 20.00 -5.61 -11.45
C ALA D 125 19.95 -4.12 -11.26
N GLY D 126 19.37 -3.67 -10.16
CA GLY D 126 19.19 -2.24 -9.94
C GLY D 126 17.85 -1.79 -10.49
N GLY D 127 17.60 -0.49 -10.42
CA GLY D 127 16.29 0.02 -10.76
C GLY D 127 15.76 0.81 -9.60
N VAL D 128 14.63 1.48 -9.78
CA VAL D 128 14.14 2.42 -8.80
C VAL D 128 13.71 1.78 -7.48
N GLY D 129 12.86 0.77 -7.52
CA GLY D 129 12.51 0.10 -6.29
C GLY D 129 13.50 -0.98 -5.93
N ASN D 130 14.52 -1.13 -6.77
CA ASN D 130 15.39 -2.31 -6.70
C ASN D 130 16.86 -1.98 -6.52
N GLN D 131 17.13 -0.95 -5.73
CA GLN D 131 18.50 -0.48 -5.59
C GLN D 131 19.51 -1.59 -5.39
N HIS D 132 20.35 -1.76 -6.39
CA HIS D 132 21.41 -2.75 -6.38
C HIS D 132 22.53 -2.29 -5.48
N ILE D 133 22.44 -1.03 -5.07
CA ILE D 133 23.44 -0.37 -4.26
C ILE D 133 22.73 0.75 -3.52
N PRO D 134 22.80 0.72 -2.20
CA PRO D 134 22.11 1.70 -1.36
C PRO D 134 22.20 3.12 -1.92
N GLY D 135 21.06 3.66 -2.31
CA GLY D 135 20.98 5.02 -2.80
C GLY D 135 21.31 5.18 -4.27
N ASP D 136 21.11 4.11 -5.05
CA ASP D 136 21.50 4.11 -6.46
C ASP D 136 20.51 3.34 -7.34
N ASN D 137 19.66 4.09 -8.04
CA ASN D 137 18.66 3.48 -8.92
C ASN D 137 19.25 3.10 -10.26
N SER D 138 20.57 3.22 -10.37
CA SER D 138 21.25 2.88 -11.61
C SER D 138 21.09 1.41 -11.88
N ILE D 139 21.33 1.03 -13.13
CA ILE D 139 21.20 -0.34 -13.56
C ILE D 139 22.55 -0.93 -13.90
N TYR D 140 22.91 -1.99 -13.18
CA TYR D 140 24.22 -2.60 -13.33
C TYR D 140 24.16 -3.96 -14.01
N VAL D 141 25.29 -4.37 -14.59
CA VAL D 141 25.39 -5.68 -15.20
C VAL D 141 25.70 -6.70 -14.13
N THR D 142 24.69 -7.50 -13.79
CA THR D 142 24.83 -8.55 -12.79
C THR D 142 25.80 -9.62 -13.26
N LYS D 143 25.60 -10.12 -14.47
CA LYS D 143 26.38 -11.26 -14.95
C LYS D 143 26.50 -11.28 -16.47
N ILE D 144 27.68 -11.63 -16.96
CA ILE D 144 27.89 -11.80 -18.39
C ILE D 144 27.95 -13.27 -18.78
N ILE D 145 27.08 -13.65 -19.69
CA ILE D 145 26.93 -15.05 -20.09
C ILE D 145 28.00 -15.44 -21.08
N GLU D 146 28.64 -16.57 -20.82
CA GLU D 146 29.74 -17.06 -21.65
C GLU D 146 29.21 -17.53 -22.99
N GLY D 147 29.79 -17.00 -24.07
CA GLY D 147 29.30 -17.29 -25.41
C GLY D 147 28.34 -16.22 -25.89
N GLY D 148 27.59 -15.65 -24.96
CA GLY D 148 26.65 -14.60 -25.27
C GLY D 148 27.31 -13.44 -25.98
N ALA D 149 26.53 -12.71 -26.77
CA ALA D 149 27.05 -11.61 -27.56
C ALA D 149 27.95 -10.68 -26.73
N ALA D 150 27.51 -10.36 -25.51
CA ALA D 150 28.23 -9.44 -24.65
C ALA D 150 29.64 -9.94 -24.37
N HIS D 151 29.74 -11.26 -24.21
CA HIS D 151 31.02 -11.91 -23.97
C HIS D 151 31.91 -11.82 -25.22
N LYS D 152 31.38 -12.28 -26.36
CA LYS D 152 32.11 -12.20 -27.62
C LYS D 152 32.77 -10.85 -27.84
N ASP D 153 31.96 -9.79 -27.81
CA ASP D 153 32.45 -8.43 -27.94
C ASP D 153 33.49 -8.14 -26.88
N GLY D 154 33.21 -8.57 -25.65
CA GLY D 154 34.18 -8.54 -24.59
C GLY D 154 34.39 -7.18 -23.94
N ARG D 155 33.80 -6.16 -24.54
CA ARG D 155 33.94 -4.83 -23.97
C ARG D 155 33.21 -4.73 -22.64
N LEU D 156 32.00 -5.25 -22.59
CA LEU D 156 31.17 -5.10 -21.39
C LEU D 156 31.68 -5.96 -20.25
N GLN D 157 31.58 -5.42 -19.03
CA GLN D 157 32.03 -6.13 -17.84
C GLN D 157 30.97 -6.07 -16.75
N ILE D 158 31.09 -6.97 -15.78
CA ILE D 158 30.19 -6.96 -14.62
C ILE D 158 30.32 -5.66 -13.81
N GLY D 159 29.20 -5.15 -13.33
CA GLY D 159 29.23 -3.96 -12.50
C GLY D 159 29.25 -2.67 -13.28
N ASP D 160 29.12 -2.77 -14.59
CA ASP D 160 29.04 -1.56 -15.43
C ASP D 160 27.61 -0.99 -15.39
N LYS D 161 27.49 0.32 -15.16
CA LYS D 161 26.19 0.97 -15.28
C LYS D 161 25.74 0.99 -16.74
N ILE D 162 24.50 0.63 -16.98
CA ILE D 162 23.94 0.79 -18.30
C ILE D 162 23.03 2.01 -18.28
N LEU D 163 23.40 3.02 -19.06
CA LEU D 163 22.76 4.33 -18.98
C LEU D 163 21.69 4.49 -20.06
N ALA D 164 21.85 3.80 -21.18
CA ALA D 164 20.88 3.93 -22.24
C ALA D 164 20.88 2.74 -23.18
N VAL D 165 19.68 2.34 -23.62
CA VAL D 165 19.53 1.37 -24.70
C VAL D 165 19.05 2.12 -25.94
N ASN D 166 19.89 2.17 -26.96
CA ASN D 166 19.57 2.98 -28.12
C ASN D 166 19.22 4.38 -27.65
N SER D 167 18.05 4.87 -28.02
CA SER D 167 17.66 6.22 -27.62
C SER D 167 16.90 6.28 -26.29
N VAL D 168 16.89 5.16 -25.58
CA VAL D 168 16.14 5.05 -24.34
C VAL D 168 17.05 5.13 -23.12
N GLY D 169 16.90 6.19 -22.34
CA GLY D 169 17.70 6.35 -21.14
C GLY D 169 17.17 5.53 -19.99
N LEU D 170 18.06 5.12 -19.10
CA LEU D 170 17.68 4.30 -17.94
C LEU D 170 18.02 5.00 -16.64
N GLU D 171 17.93 6.33 -16.67
CA GLU D 171 18.18 7.14 -15.48
C GLU D 171 16.94 7.12 -14.61
N ASP D 172 17.05 6.46 -13.46
CA ASP D 172 15.96 6.41 -12.51
C ASP D 172 14.71 5.80 -13.12
N VAL D 173 14.79 4.53 -13.49
CA VAL D 173 13.63 3.82 -14.02
C VAL D 173 13.31 2.54 -13.25
N MET D 174 12.10 2.04 -13.41
CA MET D 174 11.68 0.81 -12.74
C MET D 174 12.52 -0.31 -13.31
N HIS D 175 12.86 -1.28 -12.47
CA HIS D 175 13.63 -2.43 -12.94
C HIS D 175 12.93 -3.10 -14.12
N GLU D 176 11.62 -3.29 -14.01
CA GLU D 176 10.85 -3.87 -15.10
C GLU D 176 11.00 -3.02 -16.35
N ASP D 177 10.92 -1.71 -16.19
CA ASP D 177 11.05 -0.78 -17.29
C ASP D 177 12.33 -1.04 -18.07
N ALA D 178 13.44 -1.17 -17.35
CA ALA D 178 14.74 -1.42 -17.99
C ALA D 178 14.72 -2.73 -18.77
N VAL D 179 14.28 -3.79 -18.12
CA VAL D 179 14.17 -5.08 -18.77
C VAL D 179 13.37 -4.95 -20.06
N ALA D 180 12.25 -4.25 -19.99
CA ALA D 180 11.39 -4.05 -21.15
C ALA D 180 12.16 -3.35 -22.28
N ALA D 181 12.91 -2.32 -21.91
CA ALA D 181 13.68 -1.53 -22.84
C ALA D 181 14.70 -2.36 -23.62
N LEU D 182 15.03 -3.53 -23.10
CA LEU D 182 16.01 -4.41 -23.73
C LEU D 182 15.33 -5.48 -24.59
N LYS D 183 14.21 -6.01 -24.10
CA LYS D 183 13.44 -6.98 -24.84
C LYS D 183 12.93 -6.30 -26.09
N ASN D 184 12.50 -5.05 -25.93
CA ASN D 184 11.99 -4.28 -27.05
C ASN D 184 13.13 -3.65 -27.83
N THR D 185 13.94 -4.49 -28.46
CA THR D 185 14.97 -4.03 -29.37
C THR D 185 15.04 -4.97 -30.56
N TYR D 186 15.81 -4.58 -31.58
CA TYR D 186 15.98 -5.42 -32.74
C TYR D 186 17.25 -6.24 -32.62
N ASP D 187 17.69 -6.84 -33.72
CA ASP D 187 18.85 -7.71 -33.60
C ASP D 187 20.12 -6.88 -33.40
N VAL D 188 20.03 -5.57 -33.58
CA VAL D 188 21.14 -4.68 -33.24
C VAL D 188 20.77 -3.75 -32.09
N VAL D 189 21.69 -3.58 -31.14
CA VAL D 189 21.45 -2.78 -29.94
C VAL D 189 22.64 -1.89 -29.57
N TYR D 190 22.39 -0.60 -29.43
CA TYR D 190 23.44 0.33 -29.02
C TYR D 190 23.35 0.67 -27.54
N LEU D 191 24.35 0.22 -26.79
CA LEU D 191 24.38 0.40 -25.34
C LEU D 191 25.31 1.52 -24.92
N LYS D 192 24.75 2.54 -24.28
CA LYS D 192 25.58 3.57 -23.68
C LYS D 192 25.92 3.11 -22.27
N VAL D 193 27.20 2.80 -22.03
CA VAL D 193 27.62 2.25 -20.74
C VAL D 193 28.57 3.15 -19.94
N ALA D 194 28.75 2.82 -18.66
CA ALA D 194 29.65 3.57 -17.78
C ALA D 194 30.47 2.62 -16.92
N LYS D 195 31.79 2.67 -17.10
CA LYS D 195 32.69 1.76 -16.41
C LYS D 195 33.09 2.32 -15.05
N PRO D 196 33.20 1.43 -14.05
CA PRO D 196 33.72 1.82 -12.73
C PRO D 196 35.13 2.40 -12.86
#